data_9JT0
#
_entry.id   9JT0
#
_cell.length_a   107.852
_cell.length_b   107.852
_cell.length_c   260.618
_cell.angle_alpha   90.00
_cell.angle_beta   90.00
_cell.angle_gamma   120.00
#
_symmetry.space_group_name_H-M   'P 31 1 2'
#
loop_
_entity.id
_entity.type
_entity.pdbx_description
1 polymer 'NodB homology domain-containing protein'
2 branched 2-acetamido-2-deoxy-beta-D-glucopyranose-(1-4)-2-acetamido-2-deoxy-beta-D-glucopyranose
3 non-polymer 'ZINC ION'
4 non-polymer 'SODIUM ION'
5 water water
#
_entity_poly.entity_id   1
_entity_poly.type   'polypeptide(L)'
_entity_poly.pdbx_seq_one_letter_code
;QTAPKGTIYLTFDDGPINASIDVINVLNEQGVKGTFYFNAWHLDGIGDENEDRALEALKLALDTGHVVANHSYAHMVHNC
VDEFGPTSGAECNATGDHQINAYQDPVYDASTFADNLVVFERYLPNINSYPNYFGEELARLPYTNGWRITKDFKADGLCA
TSDDLKPWEPGYVCDLDNPSNSVKASIEVQNILANKGYQTHGWDVDWSPENWGIPMPANSLTEAEAFLGYVDAALNSCAP
TTINPINSKAHGFPCGTPLHADKVVVLTHEFLYEDGKRGMGATQNLPKLAKFLRIAKEAGYVFDTIDNYTPVWQVGNAYA
AGDYVTHSGTVYKAVTAHIAQQDWAPSSTSSLWTNADPATNWTLNVSYEAGDVVTYQGLRYLVNVPHVSQADWTPNTQNT
LFTALR
;
_entity_poly.pdbx_strand_id   A,B,C
#
# COMPACT_ATOMS: atom_id res chain seq x y z
N ALA A 3 -14.23 -20.39 -16.25
CA ALA A 3 -15.40 -21.20 -15.95
C ALA A 3 -15.16 -22.27 -14.88
N PRO A 4 -14.79 -21.86 -13.66
CA PRO A 4 -14.53 -22.83 -12.60
C PRO A 4 -15.83 -23.40 -12.06
N LYS A 5 -15.76 -24.64 -11.59
CA LYS A 5 -16.92 -25.29 -10.98
C LYS A 5 -17.42 -24.57 -9.74
N GLY A 6 -16.56 -23.83 -9.05
CA GLY A 6 -16.92 -23.16 -7.82
C GLY A 6 -15.71 -22.54 -7.18
N THR A 7 -15.95 -21.77 -6.12
CA THR A 7 -14.88 -21.18 -5.32
C THR A 7 -14.96 -21.73 -3.89
N ILE A 8 -13.83 -22.25 -3.41
CA ILE A 8 -13.72 -22.73 -2.04
C ILE A 8 -12.96 -21.71 -1.21
N TYR A 9 -13.47 -21.41 -0.03
CA TYR A 9 -12.82 -20.53 0.93
C TYR A 9 -12.34 -21.41 2.08
N LEU A 10 -11.04 -21.71 2.10
CA LEU A 10 -10.46 -22.47 3.20
C LEU A 10 -10.22 -21.54 4.39
N THR A 11 -10.89 -21.81 5.50
CA THR A 11 -10.79 -20.94 6.66
C THR A 11 -10.38 -21.76 7.88
N PHE A 12 -9.46 -21.21 8.68
CA PHE A 12 -8.88 -21.92 9.83
C PHE A 12 -9.13 -21.11 11.09
N ASP A 13 -9.75 -21.73 12.09
CA ASP A 13 -10.10 -21.08 13.33
C ASP A 13 -9.12 -21.44 14.46
N ASP A 14 -8.96 -20.49 15.37
CA ASP A 14 -8.40 -20.67 16.72
C ASP A 14 -6.88 -20.65 16.77
N GLY A 15 -6.19 -20.36 15.66
CA GLY A 15 -4.79 -20.02 15.75
C GLY A 15 -4.62 -18.63 16.34
N PRO A 16 -3.37 -18.15 16.40
CA PRO A 16 -2.12 -18.73 15.90
C PRO A 16 -1.43 -19.67 16.90
N ILE A 17 -1.18 -20.90 16.47
CA ILE A 17 -0.50 -21.87 17.31
C ILE A 17 0.60 -22.50 16.48
N ASN A 18 1.42 -23.32 17.15
CA ASN A 18 2.53 -23.98 16.46
C ASN A 18 2.02 -24.77 15.27
N ALA A 19 0.87 -25.42 15.41
CA ALA A 19 0.30 -26.21 14.32
C ALA A 19 -0.03 -25.36 13.10
N SER A 20 -0.32 -24.06 13.29
CA SER A 20 -0.60 -23.19 12.15
C SER A 20 0.55 -23.15 11.18
N ILE A 21 1.80 -23.27 11.68
CA ILE A 21 2.95 -23.13 10.80
C ILE A 21 2.98 -24.26 9.78
N ASP A 22 2.67 -25.48 10.23
CA ASP A 22 2.68 -26.60 9.31
C ASP A 22 1.52 -26.53 8.33
N VAL A 23 0.35 -26.12 8.81
CA VAL A 23 -0.80 -25.91 7.91
C VAL A 23 -0.45 -24.90 6.82
N ILE A 24 0.22 -23.81 7.18
CA ILE A 24 0.53 -22.77 6.21
C ILE A 24 1.55 -23.27 5.20
N ASN A 25 2.55 -24.03 5.65
CA ASN A 25 3.54 -24.56 4.72
C ASN A 25 2.94 -25.54 3.71
N VAL A 26 1.93 -26.32 4.12
CA VAL A 26 1.20 -27.19 3.19
C VAL A 26 0.45 -26.34 2.17
N LEU A 27 -0.33 -25.36 2.65
CA LEU A 27 -0.99 -24.42 1.73
C LEU A 27 0.00 -23.75 0.79
N ASN A 28 1.14 -23.27 1.34
CA ASN A 28 2.07 -22.51 0.51
C ASN A 28 2.68 -23.40 -0.57
N GLU A 29 2.93 -24.66 -0.27
CA GLU A 29 3.50 -25.57 -1.27
C GLU A 29 2.66 -25.65 -2.53
N GLN A 30 1.37 -25.35 -2.45
CA GLN A 30 0.50 -25.37 -3.63
C GLN A 30 -0.07 -24.00 -3.99
N GLY A 31 0.44 -22.92 -3.39
CA GLY A 31 0.02 -21.56 -3.72
C GLY A 31 -1.35 -21.14 -3.24
N VAL A 32 -2.04 -21.98 -2.46
CA VAL A 32 -3.37 -21.66 -1.95
C VAL A 32 -3.26 -20.67 -0.78
N LYS A 33 -4.17 -19.70 -0.76
CA LYS A 33 -4.30 -18.75 0.34
C LYS A 33 -5.49 -19.12 1.23
N GLY A 34 -5.28 -19.08 2.54
CA GLY A 34 -6.33 -19.35 3.50
C GLY A 34 -6.73 -18.09 4.26
N THR A 35 -7.85 -18.19 4.99
CA THR A 35 -8.30 -17.17 5.92
C THR A 35 -8.22 -17.73 7.34
N PHE A 36 -7.51 -17.03 8.21
CA PHE A 36 -7.26 -17.49 9.57
C PHE A 36 -8.01 -16.59 10.55
N TYR A 37 -8.89 -17.19 11.34
CA TYR A 37 -9.67 -16.46 12.33
C TYR A 37 -8.96 -16.64 13.67
N PHE A 38 -8.13 -15.66 14.02
CA PHE A 38 -7.17 -15.77 15.09
C PHE A 38 -7.71 -15.26 16.43
N ASN A 39 -7.26 -15.91 17.51
CA ASN A 39 -7.47 -15.43 18.87
C ASN A 39 -6.11 -15.04 19.45
N ALA A 40 -5.95 -13.77 19.85
CA ALA A 40 -4.64 -13.32 20.31
C ALA A 40 -4.25 -13.87 21.67
N TRP A 41 -5.12 -14.59 22.37
CA TRP A 41 -4.63 -15.12 23.65
C TRP A 41 -3.54 -16.17 23.47
N HIS A 42 -3.42 -16.79 22.30
CA HIS A 42 -2.29 -17.68 22.08
C HIS A 42 -0.97 -16.93 22.08
N LEU A 43 -0.98 -15.66 21.64
CA LEU A 43 0.24 -14.85 21.65
C LEU A 43 0.72 -14.56 23.08
N ASP A 44 -0.20 -14.49 24.04
CA ASP A 44 0.15 -14.29 25.43
C ASP A 44 0.51 -15.59 26.14
N GLY A 45 0.40 -16.73 25.47
CA GLY A 45 0.71 -18.03 26.07
C GLY A 45 -0.27 -18.52 27.11
N ILE A 46 -1.54 -18.13 27.07
CA ILE A 46 -2.51 -18.56 28.06
C ILE A 46 -3.64 -19.38 27.46
N GLY A 47 -3.48 -19.81 26.21
CA GLY A 47 -4.53 -20.50 25.49
C GLY A 47 -4.50 -22.01 25.54
N ASP A 48 -3.60 -22.60 26.33
CA ASP A 48 -3.61 -24.05 26.58
C ASP A 48 -3.46 -24.87 25.31
N GLU A 49 -2.58 -24.41 24.42
CA GLU A 49 -2.16 -25.14 23.23
C GLU A 49 -0.65 -25.05 23.16
N ASN A 50 -0.05 -25.78 22.24
CA ASN A 50 1.37 -25.55 21.97
C ASN A 50 1.47 -24.24 21.22
N GLU A 51 2.00 -23.20 21.88
CA GLU A 51 1.88 -21.87 21.30
C GLU A 51 3.11 -21.00 21.53
N ASP A 52 4.28 -21.60 21.76
CA ASP A 52 5.53 -20.85 21.83
C ASP A 52 5.94 -20.25 20.49
N ARG A 53 5.38 -20.72 19.38
CA ARG A 53 5.67 -20.15 18.07
C ARG A 53 4.52 -19.32 17.51
N ALA A 54 3.58 -18.89 18.36
CA ALA A 54 2.41 -18.15 17.90
C ALA A 54 2.80 -16.91 17.09
N LEU A 55 3.79 -16.13 17.57
CA LEU A 55 4.17 -14.91 16.85
C LEU A 55 4.84 -15.24 15.52
N GLU A 56 5.64 -16.30 15.47
CA GLU A 56 6.19 -16.77 14.20
C GLU A 56 5.09 -17.21 13.24
N ALA A 57 4.00 -17.78 13.78
CA ALA A 57 2.89 -18.20 12.94
C ALA A 57 2.14 -16.99 12.39
N LEU A 58 1.80 -16.06 13.26
CA LEU A 58 1.19 -14.81 12.82
C LEU A 58 2.01 -14.16 11.71
N LYS A 59 3.34 -14.06 11.90
CA LYS A 59 4.23 -13.49 10.87
C LYS A 59 4.20 -14.29 9.58
N LEU A 60 4.34 -15.62 9.69
CA LEU A 60 4.30 -16.47 8.50
C LEU A 60 2.99 -16.28 7.72
N ALA A 61 1.85 -16.26 8.42
CA ALA A 61 0.57 -16.09 7.75
C ALA A 61 0.56 -14.81 6.92
N LEU A 62 1.01 -13.70 7.52
CA LEU A 62 0.99 -12.40 6.86
C LEU A 62 2.01 -12.32 5.73
N ASP A 63 3.22 -12.83 5.96
CA ASP A 63 4.29 -12.68 4.98
C ASP A 63 4.09 -13.54 3.75
N THR A 64 3.30 -14.60 3.83
CA THR A 64 3.05 -15.44 2.66
C THR A 64 1.63 -15.26 2.13
N GLY A 65 0.97 -14.16 2.49
CA GLY A 65 -0.21 -13.73 1.78
C GLY A 65 -1.52 -14.29 2.24
N HIS A 66 -1.57 -14.93 3.40
CA HIS A 66 -2.87 -15.36 3.90
C HIS A 66 -3.55 -14.22 4.64
N VAL A 67 -4.87 -14.31 4.73
CA VAL A 67 -5.69 -13.27 5.32
C VAL A 67 -5.89 -13.58 6.80
N VAL A 68 -5.69 -12.57 7.66
CA VAL A 68 -5.86 -12.69 9.10
C VAL A 68 -7.13 -11.96 9.50
N ALA A 69 -8.04 -12.67 10.19
CA ALA A 69 -9.30 -12.07 10.60
C ALA A 69 -9.53 -12.27 12.10
N ASN A 70 -10.62 -11.70 12.60
CA ASN A 70 -10.80 -11.45 14.03
C ASN A 70 -11.72 -12.51 14.62
N HIS A 71 -11.18 -13.33 15.53
CA HIS A 71 -11.98 -14.40 16.12
C HIS A 71 -12.28 -14.15 17.60
N SER A 72 -11.90 -12.98 18.13
CA SER A 72 -12.00 -12.52 19.50
C SER A 72 -10.72 -12.85 20.27
N TYR A 73 -10.52 -12.16 21.40
CA TYR A 73 -9.25 -12.30 22.13
C TYR A 73 -9.07 -13.71 22.69
N ALA A 74 -10.10 -14.26 23.35
CA ALA A 74 -9.93 -15.52 24.07
C ALA A 74 -11.10 -16.46 23.84
N HIS A 75 -11.75 -16.37 22.69
CA HIS A 75 -12.71 -17.36 22.29
C HIS A 75 -13.87 -17.44 23.28
N MET A 76 -14.15 -16.32 23.94
CA MET A 76 -15.20 -16.22 24.96
C MET A 76 -14.94 -17.15 26.15
N VAL A 77 -13.69 -17.54 26.39
CA VAL A 77 -13.43 -18.40 27.54
C VAL A 77 -13.71 -17.67 28.85
N HIS A 78 -13.68 -16.34 28.85
CA HIS A 78 -14.01 -15.61 30.06
C HIS A 78 -15.41 -15.94 30.56
N ASN A 79 -16.33 -16.31 29.66
CA ASN A 79 -17.71 -16.67 30.01
C ASN A 79 -17.82 -18.13 30.44
N CYS A 80 -16.73 -18.88 30.40
CA CYS A 80 -16.71 -20.28 30.79
C CYS A 80 -16.23 -20.48 32.23
N VAL A 81 -15.63 -19.45 32.85
CA VAL A 81 -15.09 -19.54 34.20
C VAL A 81 -15.55 -18.33 35.00
N ASP A 82 -15.43 -18.45 36.33
CA ASP A 82 -15.84 -17.37 37.23
C ASP A 82 -14.92 -16.16 37.14
N GLU A 83 -13.62 -16.37 36.94
CA GLU A 83 -12.71 -15.25 36.81
C GLU A 83 -11.60 -15.59 35.83
N PHE A 84 -11.43 -14.73 34.83
CA PHE A 84 -10.58 -15.05 33.69
C PHE A 84 -9.12 -14.80 34.01
N GLY A 85 -8.28 -15.79 33.76
CA GLY A 85 -6.87 -15.62 33.96
C GLY A 85 -6.05 -16.61 33.17
N PRO A 86 -4.75 -16.69 33.50
CA PRO A 86 -3.81 -17.47 32.68
C PRO A 86 -4.15 -18.94 32.56
N THR A 87 -4.91 -19.49 33.50
CA THR A 87 -5.26 -20.90 33.46
C THR A 87 -6.73 -21.12 33.12
N SER A 88 -7.44 -20.07 32.71
CA SER A 88 -8.84 -20.26 32.32
C SER A 88 -8.96 -21.19 31.13
N GLY A 89 -7.98 -21.14 30.23
CA GLY A 89 -7.98 -21.98 29.04
C GLY A 89 -7.98 -23.45 29.42
N ALA A 90 -6.97 -23.86 30.20
CA ALA A 90 -6.86 -25.24 30.62
C ALA A 90 -8.06 -25.64 31.48
N GLU A 91 -8.49 -24.73 32.34
CA GLU A 91 -9.60 -25.04 33.22
C GLU A 91 -10.90 -25.21 32.43
N CYS A 92 -11.11 -24.42 31.37
CA CYS A 92 -12.28 -24.64 30.54
C CYS A 92 -12.11 -25.87 29.66
N ASN A 93 -10.90 -26.17 29.20
CA ASN A 93 -10.67 -27.45 28.54
C ASN A 93 -11.03 -28.63 29.46
N ALA A 94 -10.68 -28.53 30.75
CA ALA A 94 -10.94 -29.64 31.68
C ALA A 94 -12.43 -29.94 31.80
N THR A 95 -13.26 -28.90 31.88
CA THR A 95 -14.71 -29.07 32.04
C THR A 95 -15.46 -29.20 30.72
N GLY A 96 -14.86 -28.76 29.60
CA GLY A 96 -15.53 -28.87 28.31
C GLY A 96 -16.81 -28.07 28.17
N ASP A 97 -17.03 -27.08 29.04
CA ASP A 97 -18.25 -26.28 29.03
C ASP A 97 -18.17 -25.07 28.10
N HIS A 98 -17.36 -25.13 27.03
CA HIS A 98 -17.14 -23.97 26.18
C HIS A 98 -18.46 -23.35 25.71
N GLN A 99 -19.42 -24.18 25.35
CA GLN A 99 -20.66 -23.72 24.75
C GLN A 99 -21.74 -23.36 25.77
N ILE A 100 -21.46 -23.48 27.05
CA ILE A 100 -22.45 -23.28 28.11
C ILE A 100 -22.29 -21.88 28.66
N ASN A 101 -23.31 -21.06 28.48
CA ASN A 101 -23.24 -19.61 28.75
C ASN A 101 -22.07 -18.96 28.00
N ALA A 102 -21.84 -19.41 26.76
CA ALA A 102 -20.68 -18.97 26.01
C ALA A 102 -20.69 -17.46 25.78
N TYR A 103 -21.88 -16.89 25.57
CA TYR A 103 -22.10 -15.44 25.49
C TYR A 103 -22.98 -15.01 26.65
N GLN A 104 -22.57 -13.97 27.35
CA GLN A 104 -23.38 -13.45 28.46
C GLN A 104 -23.61 -11.94 28.32
N ASP A 105 -22.60 -11.13 28.59
CA ASP A 105 -22.78 -9.69 28.40
C ASP A 105 -22.32 -9.33 26.99
N PRO A 106 -23.26 -9.10 26.06
CA PRO A 106 -22.86 -8.89 24.66
C PRO A 106 -21.93 -7.72 24.45
N VAL A 107 -22.14 -6.61 25.18
CA VAL A 107 -21.27 -5.44 24.98
C VAL A 107 -19.84 -5.79 25.35
N TYR A 108 -19.63 -6.48 26.47
CA TYR A 108 -18.29 -6.88 26.84
C TYR A 108 -17.76 -7.94 25.88
N ASP A 109 -18.60 -8.92 25.54
CA ASP A 109 -18.16 -9.98 24.63
C ASP A 109 -17.71 -9.41 23.29
N ALA A 110 -18.46 -8.45 22.75
CA ALA A 110 -18.05 -7.78 21.52
C ALA A 110 -16.71 -7.08 21.72
N SER A 111 -16.53 -6.43 22.88
CA SER A 111 -15.31 -5.65 23.09
C SER A 111 -14.08 -6.53 23.12
N THR A 112 -14.23 -7.84 23.36
CA THR A 112 -13.04 -8.71 23.27
C THR A 112 -12.61 -8.92 21.83
N PHE A 113 -13.43 -8.57 20.83
CA PHE A 113 -12.94 -8.54 19.45
C PHE A 113 -12.03 -7.35 19.23
N ALA A 114 -12.27 -6.24 19.94
CA ALA A 114 -11.40 -5.08 19.82
C ALA A 114 -10.12 -5.26 20.63
N ASP A 115 -10.21 -5.90 21.82
CA ASP A 115 -8.99 -6.25 22.55
C ASP A 115 -8.08 -7.08 21.69
N ASN A 116 -8.66 -8.02 20.93
CA ASN A 116 -7.91 -8.85 20.01
C ASN A 116 -7.01 -7.99 19.13
N LEU A 117 -7.58 -6.93 18.54
CA LEU A 117 -6.80 -6.04 17.68
C LEU A 117 -5.65 -5.40 18.45
N VAL A 118 -5.92 -4.89 19.66
CA VAL A 118 -4.87 -4.23 20.43
C VAL A 118 -3.70 -5.17 20.71
N VAL A 119 -4.00 -6.44 20.99
CA VAL A 119 -2.94 -7.39 21.30
C VAL A 119 -2.13 -7.73 20.06
N PHE A 120 -2.81 -8.02 18.95
CA PHE A 120 -2.12 -8.19 17.66
C PHE A 120 -1.13 -7.04 17.40
N GLU A 121 -1.58 -5.79 17.57
CA GLU A 121 -0.73 -4.64 17.31
C GLU A 121 0.38 -4.49 18.33
N ARG A 122 0.18 -4.97 19.56
CA ARG A 122 1.28 -4.97 20.51
C ARG A 122 2.37 -5.95 20.10
N TYR A 123 2.01 -7.14 19.66
CA TYR A 123 3.03 -8.12 19.29
C TYR A 123 3.64 -7.86 17.91
N LEU A 124 2.88 -7.29 16.97
CA LEU A 124 3.34 -7.07 15.62
C LEU A 124 3.00 -5.64 15.26
N PRO A 125 3.83 -4.68 15.69
CA PRO A 125 3.39 -3.27 15.68
C PRO A 125 3.15 -2.68 14.30
N ASN A 126 3.71 -3.26 13.24
CA ASN A 126 3.45 -2.78 11.88
C ASN A 126 2.42 -3.63 11.16
N ILE A 127 1.53 -4.29 11.91
CA ILE A 127 0.61 -5.24 11.29
C ILE A 127 -0.37 -4.52 10.34
N ASN A 128 -0.73 -3.26 10.61
CA ASN A 128 -1.65 -2.61 9.67
C ASN A 128 -0.94 -2.08 8.42
N SER A 129 0.36 -2.30 8.26
CA SER A 129 0.97 -2.05 6.96
C SER A 129 0.83 -3.25 6.02
N TYR A 130 0.17 -4.34 6.46
CA TYR A 130 -0.02 -5.51 5.61
C TYR A 130 -1.38 -5.43 4.95
N PRO A 131 -1.48 -5.59 3.63
CA PRO A 131 -2.81 -5.49 3.03
C PRO A 131 -3.67 -6.70 3.35
N ASN A 132 -3.07 -7.87 3.63
CA ASN A 132 -3.85 -9.08 3.94
C ASN A 132 -4.26 -9.17 5.41
N TYR A 133 -4.04 -8.12 6.20
CA TYR A 133 -4.51 -8.07 7.57
C TYR A 133 -5.89 -7.44 7.59
N PHE A 134 -6.90 -8.21 8.00
CA PHE A 134 -8.29 -7.78 7.97
C PHE A 134 -8.96 -7.83 9.34
N GLY A 135 -8.17 -7.71 10.42
CA GLY A 135 -8.70 -7.90 11.75
C GLY A 135 -9.79 -6.91 12.12
N GLU A 136 -9.79 -5.74 11.50
CA GLU A 136 -10.77 -4.70 11.81
C GLU A 136 -12.06 -4.86 11.04
N GLU A 137 -12.08 -5.73 10.04
CA GLU A 137 -13.16 -5.75 9.08
C GLU A 137 -13.82 -7.10 8.88
N LEU A 138 -13.16 -8.20 9.22
CA LEU A 138 -13.70 -9.54 9.04
C LEU A 138 -13.64 -10.28 10.37
N ALA A 139 -14.77 -10.83 10.80
CA ALA A 139 -14.82 -11.56 12.05
C ALA A 139 -15.63 -12.85 11.87
N ARG A 140 -15.56 -13.73 12.87
CA ARG A 140 -16.41 -14.90 12.99
C ARG A 140 -16.60 -15.18 14.48
N LEU A 141 -17.85 -15.41 14.90
CA LEU A 141 -18.11 -15.57 16.34
C LEU A 141 -17.74 -16.99 16.76
N PRO A 142 -17.01 -17.16 17.86
CA PRO A 142 -16.77 -18.50 18.39
C PRO A 142 -18.07 -19.28 18.51
N TYR A 143 -18.00 -20.57 18.11
CA TYR A 143 -19.08 -21.56 18.27
C TYR A 143 -20.29 -21.31 17.39
N THR A 144 -20.33 -20.21 16.65
CA THR A 144 -21.59 -19.70 16.10
C THR A 144 -21.52 -19.56 14.59
N ASN A 145 -22.31 -20.38 13.88
CA ASN A 145 -22.44 -20.26 12.43
C ASN A 145 -23.37 -19.08 12.12
N GLY A 146 -22.86 -17.87 12.34
CA GLY A 146 -23.64 -16.67 12.16
C GLY A 146 -23.05 -15.80 11.07
N TRP A 147 -23.91 -15.07 10.37
CA TRP A 147 -23.52 -14.32 9.17
C TRP A 147 -24.00 -12.88 9.24
N ARG A 148 -23.15 -11.95 8.80
CA ARG A 148 -23.51 -10.55 8.58
C ARG A 148 -22.74 -10.11 7.34
N ILE A 149 -23.38 -10.25 6.18
CA ILE A 149 -22.75 -10.03 4.88
C ILE A 149 -23.27 -8.74 4.22
N THR A 150 -24.58 -8.64 4.01
CA THR A 150 -25.21 -7.44 3.47
C THR A 150 -26.44 -7.11 4.30
N LYS A 151 -27.02 -5.95 4.02
CA LYS A 151 -28.28 -5.56 4.64
C LYS A 151 -29.32 -6.67 4.55
N ASP A 152 -29.27 -7.48 3.49
CA ASP A 152 -30.30 -8.48 3.18
C ASP A 152 -29.76 -9.89 3.21
N PHE A 153 -28.57 -10.10 3.81
CA PHE A 153 -27.88 -11.39 3.85
C PHE A 153 -27.31 -11.52 5.26
N LYS A 154 -28.14 -12.05 6.16
CA LYS A 154 -27.80 -12.29 7.55
C LYS A 154 -28.34 -13.67 7.95
N ALA A 155 -27.70 -14.25 8.95
CA ALA A 155 -28.20 -15.48 9.55
C ALA A 155 -27.70 -15.55 10.98
N ASP A 156 -28.42 -16.28 11.82
CA ASP A 156 -27.96 -16.55 13.17
C ASP A 156 -28.02 -18.04 13.46
N GLY A 157 -27.06 -18.51 14.24
CA GLY A 157 -27.05 -19.89 14.67
C GLY A 157 -27.83 -20.02 15.95
N LEU A 158 -29.10 -20.40 15.82
CA LEU A 158 -30.02 -20.33 16.94
C LEU A 158 -29.83 -21.43 17.97
N CYS A 159 -29.07 -22.49 17.67
CA CYS A 159 -28.77 -23.53 18.65
C CYS A 159 -27.29 -23.62 18.99
N ALA A 160 -26.51 -22.59 18.64
CA ALA A 160 -25.05 -22.68 18.68
C ALA A 160 -24.53 -22.85 20.10
N THR A 161 -25.15 -22.18 21.07
CA THR A 161 -24.71 -22.22 22.46
C THR A 161 -25.93 -22.31 23.37
N SER A 162 -25.70 -22.83 24.57
CA SER A 162 -26.77 -23.23 25.47
C SER A 162 -26.58 -22.59 26.83
N ASP A 163 -27.69 -22.51 27.57
CA ASP A 163 -27.66 -22.02 28.96
C ASP A 163 -27.44 -23.13 29.97
N ASP A 164 -27.42 -24.39 29.53
CA ASP A 164 -27.39 -25.51 30.47
C ASP A 164 -26.86 -26.79 29.85
N LEU A 165 -27.56 -27.34 28.85
CA LEU A 165 -27.27 -28.68 28.34
C LEU A 165 -26.54 -28.65 27.01
N LYS A 166 -25.58 -29.54 26.86
CA LYS A 166 -24.91 -29.67 25.58
C LYS A 166 -25.81 -30.42 24.58
N PRO A 167 -25.63 -30.18 23.27
CA PRO A 167 -26.62 -30.66 22.28
C PRO A 167 -26.91 -32.16 22.31
N TRP A 168 -25.87 -32.99 22.19
CA TRP A 168 -26.07 -34.43 22.14
C TRP A 168 -26.69 -34.96 23.43
N GLU A 169 -26.47 -34.25 24.54
CA GLU A 169 -26.85 -34.78 25.84
C GLU A 169 -28.35 -35.05 25.88
N PRO A 170 -28.76 -36.21 26.39
CA PRO A 170 -30.19 -36.44 26.63
C PRO A 170 -30.84 -35.29 27.38
N GLY A 171 -32.02 -34.88 26.90
CA GLY A 171 -32.78 -33.79 27.48
C GLY A 171 -32.64 -32.46 26.76
N TYR A 172 -31.80 -32.37 25.75
CA TYR A 172 -31.53 -31.10 25.09
C TYR A 172 -32.68 -30.73 24.16
N VAL A 173 -33.27 -29.57 24.41
CA VAL A 173 -34.26 -28.97 23.50
C VAL A 173 -33.69 -27.64 23.02
N CYS A 174 -33.76 -27.42 21.70
CA CYS A 174 -33.48 -26.11 21.13
C CYS A 174 -34.81 -25.53 20.67
N ASP A 175 -35.18 -24.40 21.24
CA ASP A 175 -36.45 -23.74 20.95
C ASP A 175 -36.16 -22.52 20.07
N LEU A 176 -36.32 -22.69 18.75
CA LEU A 176 -35.98 -21.62 17.81
C LEU A 176 -36.82 -20.36 18.04
N ASP A 177 -38.07 -20.52 18.49
CA ASP A 177 -38.91 -19.36 18.72
C ASP A 177 -38.55 -18.61 20.00
N ASN A 178 -37.73 -19.19 20.84
CA ASN A 178 -37.23 -18.51 22.02
C ASN A 178 -35.93 -19.20 22.41
N PRO A 179 -34.82 -18.84 21.78
CA PRO A 179 -33.56 -19.57 22.00
C PRO A 179 -32.91 -19.20 23.33
N SER A 180 -31.82 -19.91 23.61
CA SER A 180 -31.06 -19.74 24.84
C SER A 180 -30.67 -18.29 25.05
N ASN A 181 -30.42 -17.91 26.30
CA ASN A 181 -29.89 -16.59 26.61
C ASN A 181 -28.54 -16.38 25.95
N SER A 182 -27.70 -17.42 25.91
CA SER A 182 -26.38 -17.32 25.30
C SER A 182 -26.51 -17.05 23.80
N VAL A 183 -27.41 -17.77 23.13
CA VAL A 183 -27.66 -17.48 21.72
C VAL A 183 -28.15 -16.05 21.57
N LYS A 184 -29.04 -15.59 22.45
CA LYS A 184 -29.56 -14.24 22.33
C LYS A 184 -28.45 -13.21 22.46
N ALA A 185 -27.48 -13.45 23.35
CA ALA A 185 -26.36 -12.53 23.47
C ALA A 185 -25.46 -12.58 22.24
N SER A 186 -25.20 -13.79 21.72
CA SER A 186 -24.41 -13.90 20.50
C SER A 186 -25.01 -13.08 19.35
N ILE A 187 -26.35 -13.02 19.26
CA ILE A 187 -26.96 -12.24 18.20
C ILE A 187 -26.65 -10.77 18.40
N GLU A 188 -26.78 -10.27 19.63
CA GLU A 188 -26.44 -8.87 19.89
C GLU A 188 -24.98 -8.59 19.55
N VAL A 189 -24.10 -9.55 19.81
CA VAL A 189 -22.70 -9.40 19.46
C VAL A 189 -22.54 -9.25 17.95
N GLN A 190 -23.24 -10.09 17.17
CA GLN A 190 -23.24 -9.93 15.72
C GLN A 190 -23.60 -8.51 15.33
N ASN A 191 -24.71 -8.02 15.87
CA ASN A 191 -25.18 -6.69 15.54
C ASN A 191 -24.19 -5.61 15.96
N ILE A 192 -23.50 -5.81 17.08
CA ILE A 192 -22.53 -4.82 17.52
C ILE A 192 -21.31 -4.77 16.58
N LEU A 193 -20.80 -5.94 16.17
CA LEU A 193 -19.68 -5.94 15.24
C LEU A 193 -20.06 -5.35 13.89
N ALA A 194 -21.30 -5.59 13.44
CA ALA A 194 -21.71 -5.09 12.15
C ALA A 194 -21.79 -3.58 12.15
N ASN A 195 -22.17 -2.98 13.27
CA ASN A 195 -22.20 -1.53 13.42
C ASN A 195 -20.81 -0.93 13.49
N LYS A 196 -19.80 -1.70 13.85
CA LYS A 196 -18.43 -1.24 13.78
C LYS A 196 -17.81 -1.53 12.42
N GLY A 197 -18.59 -2.02 11.45
CA GLY A 197 -18.11 -2.21 10.10
C GLY A 197 -17.59 -3.60 9.77
N TYR A 198 -17.75 -4.57 10.67
CA TYR A 198 -17.33 -5.93 10.37
C TYR A 198 -18.34 -6.60 9.45
N GLN A 199 -17.84 -7.51 8.63
CA GLN A 199 -18.65 -8.61 8.13
C GLN A 199 -18.28 -9.85 8.94
N THR A 200 -19.28 -10.67 9.25
CA THR A 200 -19.05 -11.96 9.88
C THR A 200 -19.49 -13.04 8.92
N HIS A 201 -18.68 -14.10 8.82
CA HIS A 201 -18.93 -15.23 7.94
C HIS A 201 -19.00 -16.52 8.73
N GLY A 202 -19.97 -17.35 8.41
CA GLY A 202 -20.02 -18.69 8.98
C GLY A 202 -19.33 -19.68 8.07
N TRP A 203 -19.95 -20.85 7.90
CA TRP A 203 -19.34 -21.86 7.06
C TRP A 203 -20.44 -22.74 6.46
N ASP A 204 -20.11 -23.35 5.32
CA ASP A 204 -20.89 -24.36 4.63
C ASP A 204 -20.54 -25.77 5.08
N VAL A 205 -19.25 -26.08 5.25
CA VAL A 205 -18.80 -27.40 5.63
C VAL A 205 -17.73 -27.26 6.72
N ASP A 206 -17.79 -28.13 7.72
CA ASP A 206 -16.88 -28.12 8.85
C ASP A 206 -15.99 -29.36 8.75
N TRP A 207 -14.74 -29.19 8.33
CA TRP A 207 -13.81 -30.30 8.23
C TRP A 207 -13.35 -30.69 9.64
N SER A 208 -13.91 -31.77 10.15
CA SER A 208 -13.87 -32.06 11.57
C SER A 208 -13.75 -33.56 11.77
N PRO A 209 -13.51 -34.02 13.00
CA PRO A 209 -13.54 -35.47 13.25
C PRO A 209 -14.87 -36.10 12.84
N GLU A 210 -14.80 -37.22 12.12
CA GLU A 210 -16.00 -38.01 11.85
C GLU A 210 -16.56 -38.64 13.12
N ASN A 211 -15.80 -38.62 14.20
CA ASN A 211 -16.32 -39.06 15.49
C ASN A 211 -15.51 -38.40 16.59
N TRP A 212 -16.17 -37.56 17.39
CA TRP A 212 -15.58 -36.86 18.52
C TRP A 212 -15.56 -37.69 19.79
N GLY A 213 -15.80 -38.98 19.68
CA GLY A 213 -15.90 -39.82 20.85
C GLY A 213 -14.80 -40.85 20.92
N ILE A 214 -14.15 -41.13 19.79
CA ILE A 214 -13.06 -42.09 19.77
C ILE A 214 -11.90 -41.54 20.59
N PRO A 215 -10.97 -42.37 21.07
CA PRO A 215 -9.94 -41.88 22.00
C PRO A 215 -9.03 -40.79 21.43
N MET A 216 -8.70 -40.82 20.14
CA MET A 216 -7.86 -39.78 19.53
C MET A 216 -8.66 -39.13 18.38
N PRO A 217 -9.52 -38.16 18.70
CA PRO A 217 -10.51 -37.71 17.70
C PRO A 217 -9.92 -37.19 16.40
N ALA A 218 -8.73 -36.60 16.43
CA ALA A 218 -8.15 -36.09 15.18
C ALA A 218 -7.88 -37.18 14.16
N ASN A 219 -7.77 -38.44 14.59
CA ASN A 219 -7.44 -39.50 13.63
C ASN A 219 -8.60 -39.80 12.70
N SER A 220 -9.83 -39.42 13.07
CA SER A 220 -11.01 -39.68 12.28
C SER A 220 -11.45 -38.47 11.47
N LEU A 221 -10.52 -37.58 11.13
CA LEU A 221 -10.87 -36.48 10.24
C LEU A 221 -11.23 -37.05 8.88
N THR A 222 -12.24 -36.45 8.24
CA THR A 222 -12.72 -36.92 6.95
C THR A 222 -11.58 -37.00 5.95
N GLU A 223 -11.52 -38.11 5.21
CA GLU A 223 -10.50 -38.24 4.16
C GLU A 223 -10.78 -37.23 3.04
N ALA A 224 -9.74 -36.97 2.24
CA ALA A 224 -9.81 -35.90 1.26
C ALA A 224 -10.84 -36.20 0.17
N GLU A 225 -10.86 -37.44 -0.33
CA GLU A 225 -11.85 -37.81 -1.34
C GLU A 225 -13.25 -37.62 -0.81
N ALA A 226 -13.54 -38.24 0.34
CA ALA A 226 -14.84 -38.09 0.98
C ALA A 226 -15.16 -36.62 1.25
N PHE A 227 -14.14 -35.80 1.51
CA PHE A 227 -14.42 -34.42 1.87
C PHE A 227 -14.67 -33.56 0.63
N LEU A 228 -13.93 -33.79 -0.46
CA LEU A 228 -14.31 -33.18 -1.73
C LEU A 228 -15.75 -33.52 -2.08
N GLY A 229 -16.19 -34.72 -1.67
CA GLY A 229 -17.59 -35.07 -1.84
C GLY A 229 -18.53 -34.17 -1.07
N TYR A 230 -18.21 -33.92 0.21
CA TYR A 230 -19.01 -33.00 1.02
C TYR A 230 -19.08 -31.62 0.38
N VAL A 231 -17.97 -31.15 -0.18
CA VAL A 231 -17.92 -29.84 -0.80
C VAL A 231 -18.81 -29.81 -2.03
N ASP A 232 -18.65 -30.81 -2.93
CA ASP A 232 -19.56 -30.96 -4.06
C ASP A 232 -21.02 -30.89 -3.62
N ALA A 233 -21.33 -31.54 -2.51
CA ALA A 233 -22.72 -31.56 -2.06
C ALA A 233 -23.20 -30.17 -1.65
N ALA A 234 -22.33 -29.39 -1.03
CA ALA A 234 -22.75 -28.09 -0.48
C ALA A 234 -22.88 -27.01 -1.54
N LEU A 235 -22.25 -27.18 -2.70
CA LEU A 235 -22.26 -26.21 -3.79
C LEU A 235 -23.68 -25.90 -4.24
N ASN A 236 -24.16 -24.69 -3.95
CA ASN A 236 -25.49 -24.20 -4.37
C ASN A 236 -26.63 -24.98 -3.74
N SER A 237 -26.45 -25.49 -2.53
CA SER A 237 -27.52 -26.26 -1.89
C SER A 237 -27.84 -25.76 -0.49
N CYS A 238 -27.51 -24.50 -0.19
CA CYS A 238 -27.83 -23.89 1.10
C CYS A 238 -27.32 -24.75 2.27
N ALA A 239 -26.06 -25.16 2.17
CA ALA A 239 -25.48 -26.03 3.21
C ALA A 239 -25.58 -25.48 4.63
N PRO A 240 -25.48 -24.17 4.90
CA PRO A 240 -25.57 -23.72 6.29
C PRO A 240 -26.84 -24.13 7.03
N THR A 241 -27.97 -24.33 6.33
CA THR A 241 -29.18 -24.77 7.03
C THR A 241 -29.26 -26.28 7.17
N THR A 242 -28.70 -27.04 6.21
CA THR A 242 -28.80 -28.50 6.28
C THR A 242 -27.73 -29.14 7.17
N ILE A 243 -26.59 -28.46 7.35
CA ILE A 243 -25.42 -28.97 8.08
C ILE A 243 -25.79 -29.55 9.44
N ASN A 244 -25.02 -30.54 9.89
CA ASN A 244 -25.13 -31.12 11.22
C ASN A 244 -23.78 -31.00 11.95
N PRO A 245 -23.78 -30.96 13.29
CA PRO A 245 -24.90 -31.08 14.21
C PRO A 245 -25.73 -29.82 14.32
N ILE A 246 -26.79 -29.88 15.14
CA ILE A 246 -27.76 -28.79 15.19
C ILE A 246 -27.10 -27.46 15.54
N ASN A 247 -26.13 -27.49 16.47
CA ASN A 247 -25.48 -26.27 16.93
C ASN A 247 -24.53 -25.67 15.90
N SER A 248 -24.32 -26.33 14.78
CA SER A 248 -23.60 -25.76 13.65
C SER A 248 -24.49 -25.14 12.60
N LYS A 249 -25.82 -25.15 12.79
CA LYS A 249 -26.71 -24.67 11.75
C LYS A 249 -26.78 -23.14 11.77
N ALA A 250 -27.02 -22.55 10.60
CA ALA A 250 -27.19 -21.11 10.45
C ALA A 250 -28.63 -20.85 10.04
N HIS A 251 -29.47 -20.54 11.03
CA HIS A 251 -30.90 -20.42 10.78
C HIS A 251 -31.25 -19.07 10.16
N GLY A 252 -32.16 -19.11 9.20
CA GLY A 252 -32.51 -17.94 8.44
C GLY A 252 -31.55 -17.60 7.34
N PHE A 253 -30.70 -18.51 6.95
CA PHE A 253 -29.74 -18.23 5.89
C PHE A 253 -30.51 -18.04 4.58
N PRO A 254 -30.28 -16.94 3.85
CA PRO A 254 -31.09 -16.66 2.66
C PRO A 254 -30.70 -17.54 1.48
N CYS A 255 -31.28 -18.73 1.42
CA CYS A 255 -30.93 -19.69 0.39
C CYS A 255 -31.05 -19.08 -0.99
N GLY A 256 -30.06 -19.33 -1.83
CA GLY A 256 -30.04 -18.76 -3.16
C GLY A 256 -29.61 -17.31 -3.26
N THR A 257 -29.19 -16.67 -2.16
CA THR A 257 -28.78 -15.28 -2.28
C THR A 257 -27.60 -15.19 -3.26
N PRO A 258 -27.57 -14.16 -4.10
CA PRO A 258 -26.57 -14.14 -5.19
C PRO A 258 -25.12 -14.24 -4.71
N LEU A 259 -24.73 -13.54 -3.64
CA LEU A 259 -23.34 -13.57 -3.18
C LEU A 259 -22.85 -14.96 -2.82
N HIS A 260 -23.76 -15.90 -2.50
CA HIS A 260 -23.39 -17.23 -2.09
C HIS A 260 -23.40 -18.23 -3.24
N ALA A 261 -23.76 -17.79 -4.42
CA ALA A 261 -23.80 -18.69 -5.57
C ALA A 261 -22.40 -19.20 -5.90
N ASP A 262 -22.28 -20.52 -6.02
CA ASP A 262 -21.06 -21.15 -6.52
C ASP A 262 -19.88 -20.98 -5.58
N LYS A 263 -20.17 -21.00 -4.27
CA LYS A 263 -19.18 -20.79 -3.22
C LYS A 263 -19.39 -21.79 -2.10
N VAL A 264 -18.28 -22.29 -1.55
CA VAL A 264 -18.30 -23.16 -0.37
C VAL A 264 -17.27 -22.61 0.61
N VAL A 265 -17.71 -22.23 1.79
CA VAL A 265 -16.81 -21.77 2.86
C VAL A 265 -16.53 -22.93 3.79
N VAL A 266 -15.28 -23.36 3.87
CA VAL A 266 -14.87 -24.53 4.66
C VAL A 266 -14.29 -24.07 6.00
N LEU A 267 -14.84 -24.59 7.09
CA LEU A 267 -14.30 -24.37 8.43
C LEU A 267 -13.45 -25.55 8.89
N THR A 268 -12.25 -25.28 9.38
CA THR A 268 -11.44 -26.28 10.08
C THR A 268 -10.52 -25.55 11.05
N HIS A 269 -9.73 -26.32 11.81
CA HIS A 269 -8.91 -25.81 12.90
C HIS A 269 -7.48 -26.32 12.76
N GLU A 270 -6.48 -25.42 12.88
CA GLU A 270 -5.10 -25.87 12.82
C GLU A 270 -4.82 -27.00 13.82
N PHE A 271 -5.45 -26.96 14.99
CA PHE A 271 -5.09 -27.94 16.02
C PHE A 271 -5.48 -29.35 15.65
N LEU A 272 -6.19 -29.54 14.54
CA LEU A 272 -6.52 -30.86 14.02
C LEU A 272 -5.43 -31.40 13.09
N TYR A 273 -4.35 -30.63 12.90
CA TYR A 273 -3.27 -31.02 12.01
C TYR A 273 -1.97 -31.12 12.80
N GLU A 274 -2.12 -31.44 14.07
CA GLU A 274 -1.02 -31.53 15.03
C GLU A 274 -0.97 -32.92 15.63
N ASP A 275 0.25 -33.47 15.77
CA ASP A 275 0.47 -34.65 16.59
C ASP A 275 0.50 -34.22 18.05
N GLY A 276 -0.44 -34.72 18.85
CA GLY A 276 -0.55 -34.24 20.23
C GLY A 276 -1.78 -34.80 20.91
N LYS A 277 -2.26 -34.07 21.92
CA LYS A 277 -3.29 -34.57 22.82
C LYS A 277 -4.59 -34.97 22.12
N ARG A 278 -4.75 -34.64 20.83
CA ARG A 278 -5.98 -34.93 20.10
C ARG A 278 -5.80 -36.04 19.06
N GLY A 279 -4.58 -36.44 18.76
CA GLY A 279 -4.38 -37.51 17.81
C GLY A 279 -3.14 -37.28 16.99
N MET A 280 -3.07 -37.98 15.86
CA MET A 280 -1.96 -37.85 14.91
C MET A 280 -2.34 -36.90 13.79
N GLY A 281 -2.77 -35.70 14.18
CA GLY A 281 -3.08 -34.64 13.22
C GLY A 281 -2.02 -34.43 12.15
N ALA A 282 -0.78 -34.13 12.54
CA ALA A 282 0.25 -33.81 11.56
C ALA A 282 0.56 -35.02 10.68
N THR A 283 0.60 -36.21 11.27
CA THR A 283 0.98 -37.40 10.54
C THR A 283 -0.14 -37.88 9.62
N GLN A 284 -1.37 -37.95 10.13
CA GLN A 284 -2.48 -38.44 9.32
C GLN A 284 -3.26 -37.34 8.57
N ASN A 285 -3.33 -36.10 9.08
CA ASN A 285 -4.24 -35.14 8.46
C ASN A 285 -3.57 -34.12 7.56
N LEU A 286 -2.32 -33.71 7.86
CA LEU A 286 -1.59 -32.89 6.91
C LEU A 286 -1.52 -33.50 5.51
N PRO A 287 -1.36 -34.82 5.34
CA PRO A 287 -1.47 -35.38 3.98
C PRO A 287 -2.88 -35.29 3.42
N LYS A 288 -3.91 -35.41 4.26
CA LYS A 288 -5.28 -35.25 3.77
C LYS A 288 -5.50 -33.84 3.23
N LEU A 289 -5.04 -32.83 3.97
CA LEU A 289 -5.18 -31.45 3.51
C LEU A 289 -4.49 -31.25 2.17
N ALA A 290 -3.27 -31.79 2.01
CA ALA A 290 -2.54 -31.56 0.77
C ALA A 290 -3.16 -32.29 -0.40
N LYS A 291 -3.80 -33.45 -0.15
CA LYS A 291 -4.49 -34.15 -1.23
C LYS A 291 -5.72 -33.39 -1.68
N PHE A 292 -6.55 -32.96 -0.71
CA PHE A 292 -7.72 -32.13 -1.02
C PHE A 292 -7.36 -30.95 -1.91
N LEU A 293 -6.25 -30.27 -1.62
CA LEU A 293 -5.87 -29.14 -2.45
C LEU A 293 -5.62 -29.58 -3.90
N ARG A 294 -5.12 -30.80 -4.07
CA ARG A 294 -4.85 -31.30 -5.42
C ARG A 294 -6.14 -31.67 -6.13
N ILE A 295 -6.98 -32.50 -5.49
CA ILE A 295 -8.17 -33.04 -6.15
C ILE A 295 -9.21 -31.95 -6.34
N ALA A 296 -9.21 -30.92 -5.50
CA ALA A 296 -10.22 -29.88 -5.61
C ALA A 296 -9.97 -29.03 -6.86
N LYS A 297 -8.70 -28.77 -7.19
CA LYS A 297 -8.40 -28.07 -8.43
C LYS A 297 -8.69 -28.95 -9.64
N GLU A 298 -8.26 -30.22 -9.61
CA GLU A 298 -8.55 -31.14 -10.70
C GLU A 298 -10.05 -31.22 -10.98
N ALA A 299 -10.86 -31.16 -9.91
CA ALA A 299 -12.31 -31.18 -10.05
C ALA A 299 -12.90 -29.84 -10.45
N GLY A 300 -12.08 -28.82 -10.69
CA GLY A 300 -12.55 -27.56 -11.21
C GLY A 300 -12.81 -26.46 -10.19
N TYR A 301 -12.43 -26.63 -8.93
CA TYR A 301 -12.55 -25.58 -7.94
C TYR A 301 -11.31 -24.70 -7.92
N VAL A 302 -11.50 -23.47 -7.45
CA VAL A 302 -10.41 -22.55 -7.14
C VAL A 302 -10.59 -22.07 -5.71
N PHE A 303 -9.48 -21.68 -5.10
CA PHE A 303 -9.47 -21.26 -3.71
C PHE A 303 -9.38 -19.74 -3.60
N ASP A 304 -10.09 -19.17 -2.64
CA ASP A 304 -9.99 -17.75 -2.37
C ASP A 304 -10.08 -17.54 -0.85
N THR A 305 -9.85 -16.29 -0.45
CA THR A 305 -9.90 -15.82 0.92
C THR A 305 -11.14 -14.95 1.14
N ILE A 306 -11.58 -14.87 2.39
CA ILE A 306 -12.89 -14.33 2.71
C ILE A 306 -13.03 -12.86 2.34
N ASP A 307 -11.90 -12.15 2.21
CA ASP A 307 -11.96 -10.75 1.82
C ASP A 307 -12.45 -10.58 0.39
N ASN A 308 -12.43 -11.63 -0.42
CA ASN A 308 -12.95 -11.56 -1.78
C ASN A 308 -14.32 -12.21 -1.92
N TYR A 309 -14.83 -12.83 -0.85
CA TYR A 309 -16.16 -13.41 -0.90
C TYR A 309 -17.17 -12.40 -1.43
N THR A 310 -17.16 -11.18 -0.90
CA THR A 310 -17.80 -10.05 -1.57
C THR A 310 -16.75 -9.39 -2.45
N PRO A 311 -16.89 -9.42 -3.77
CA PRO A 311 -15.79 -8.94 -4.64
C PRO A 311 -15.50 -7.48 -4.41
N VAL A 312 -14.22 -7.13 -4.53
CA VAL A 312 -13.81 -5.74 -4.40
C VAL A 312 -14.19 -4.98 -5.67
N TRP A 313 -14.70 -3.77 -5.49
CA TRP A 313 -14.99 -2.90 -6.62
C TRP A 313 -13.75 -2.69 -7.47
N GLN A 314 -13.90 -2.82 -8.80
CA GLN A 314 -12.78 -2.72 -9.74
C GLN A 314 -13.09 -1.75 -10.89
N VAL A 315 -12.16 -0.83 -11.16
CA VAL A 315 -12.25 -0.02 -12.38
C VAL A 315 -12.32 -0.95 -13.60
N GLY A 316 -13.26 -0.68 -14.51
CA GLY A 316 -13.37 -1.40 -15.76
C GLY A 316 -14.30 -2.60 -15.77
N ASN A 317 -14.81 -3.00 -14.61
CA ASN A 317 -15.79 -4.08 -14.55
C ASN A 317 -17.18 -3.59 -14.93
N ALA A 318 -17.92 -4.46 -15.61
CA ALA A 318 -19.32 -4.23 -15.90
C ALA A 318 -20.15 -4.70 -14.72
N TYR A 319 -20.92 -3.78 -14.13
CA TYR A 319 -21.77 -4.13 -13.01
C TYR A 319 -23.22 -4.16 -13.43
N ALA A 320 -23.95 -5.14 -12.95
CA ALA A 320 -25.40 -5.17 -13.16
C ALA A 320 -26.11 -4.59 -11.94
N ALA A 321 -27.26 -3.98 -12.20
CA ALA A 321 -28.15 -3.62 -11.11
C ALA A 321 -28.32 -4.79 -10.16
N GLY A 322 -28.06 -4.57 -8.88
CA GLY A 322 -28.15 -5.60 -7.88
C GLY A 322 -26.83 -6.25 -7.49
N ASP A 323 -25.74 -6.04 -8.25
CA ASP A 323 -24.44 -6.59 -7.89
C ASP A 323 -23.94 -5.98 -6.60
N TYR A 324 -23.33 -6.82 -5.76
CA TYR A 324 -22.70 -6.40 -4.52
C TYR A 324 -21.18 -6.31 -4.68
N VAL A 325 -20.60 -5.27 -4.09
CA VAL A 325 -19.15 -5.12 -4.03
C VAL A 325 -18.78 -4.60 -2.64
N THR A 326 -17.49 -4.62 -2.34
CA THR A 326 -16.98 -3.79 -1.27
C THR A 326 -16.03 -2.76 -1.85
N HIS A 327 -15.96 -1.63 -1.17
CA HIS A 327 -15.10 -0.52 -1.55
C HIS A 327 -14.72 0.19 -0.27
N SER A 328 -13.42 0.28 0.00
CA SER A 328 -12.89 0.71 1.29
C SER A 328 -13.54 -0.03 2.46
N GLY A 329 -13.79 -1.31 2.27
CA GLY A 329 -14.35 -2.11 3.35
C GLY A 329 -15.84 -2.01 3.52
N THR A 330 -16.54 -1.20 2.71
CA THR A 330 -17.98 -0.98 2.86
C THR A 330 -18.73 -1.71 1.75
N VAL A 331 -19.81 -2.38 2.11
CA VAL A 331 -20.61 -3.14 1.15
C VAL A 331 -21.50 -2.18 0.37
N TYR A 332 -21.59 -2.38 -0.95
CA TYR A 332 -22.43 -1.55 -1.81
C TYR A 332 -23.19 -2.41 -2.79
N LYS A 333 -24.35 -1.91 -3.19
CA LYS A 333 -25.21 -2.60 -4.13
C LYS A 333 -25.46 -1.68 -5.33
N ALA A 334 -25.17 -2.18 -6.52
CA ALA A 334 -25.31 -1.35 -7.72
C ALA A 334 -26.78 -0.96 -7.94
N VAL A 335 -27.00 0.32 -8.19
CA VAL A 335 -28.32 0.81 -8.54
C VAL A 335 -28.56 0.70 -10.04
N THR A 336 -27.52 0.99 -10.82
CA THR A 336 -27.60 1.11 -12.27
C THR A 336 -26.51 0.27 -12.90
N ALA A 337 -26.88 -0.54 -13.89
CA ALA A 337 -25.89 -1.22 -14.73
C ALA A 337 -24.97 -0.19 -15.38
N HIS A 338 -23.66 -0.37 -15.24
CA HIS A 338 -22.69 0.58 -15.78
C HIS A 338 -21.29 -0.01 -15.68
N ILE A 339 -20.36 0.55 -16.46
CA ILE A 339 -18.95 0.17 -16.36
C ILE A 339 -18.27 1.09 -15.36
N ALA A 340 -17.70 0.49 -14.32
CA ALA A 340 -16.97 1.25 -13.31
C ALA A 340 -15.77 1.95 -13.93
N GLN A 341 -15.51 3.18 -13.47
CA GLN A 341 -14.37 3.95 -13.92
C GLN A 341 -13.82 4.69 -12.71
N GLN A 342 -12.62 5.24 -12.86
CA GLN A 342 -11.86 5.68 -11.70
C GLN A 342 -12.52 6.83 -10.95
N ASP A 343 -13.28 7.67 -11.62
CA ASP A 343 -13.78 8.85 -10.94
C ASP A 343 -15.14 8.63 -10.29
N TRP A 344 -15.75 7.47 -10.42
CA TRP A 344 -17.05 7.24 -9.83
C TRP A 344 -17.10 5.88 -9.18
N ALA A 345 -16.30 5.74 -8.13
CA ALA A 345 -16.38 4.61 -7.23
C ALA A 345 -17.59 4.77 -6.31
N PRO A 346 -18.00 3.71 -5.63
CA PRO A 346 -19.11 3.86 -4.66
C PRO A 346 -18.75 4.86 -3.57
N SER A 347 -19.77 5.49 -2.99
CA SER A 347 -19.59 6.49 -1.95
C SER A 347 -20.93 6.73 -1.23
N SER A 348 -20.91 7.61 -0.23
CA SER A 348 -22.11 7.95 0.50
C SER A 348 -23.03 8.89 -0.26
N THR A 349 -22.59 9.44 -1.39
CA THR A 349 -23.46 10.27 -2.22
C THR A 349 -23.67 9.72 -3.62
N SER A 350 -23.08 8.58 -3.96
CA SER A 350 -23.16 8.05 -5.31
C SER A 350 -24.59 7.69 -5.71
N SER A 351 -24.98 8.06 -6.92
CA SER A 351 -26.26 7.56 -7.42
C SER A 351 -26.14 6.19 -8.08
N LEU A 352 -24.93 5.68 -8.30
CA LEU A 352 -24.75 4.38 -8.93
C LEU A 352 -24.81 3.23 -7.95
N TRP A 353 -24.68 3.52 -6.65
CA TRP A 353 -24.60 2.51 -5.60
C TRP A 353 -25.42 2.97 -4.41
N THR A 354 -25.88 2.02 -3.62
CA THR A 354 -26.31 2.32 -2.26
C THR A 354 -25.48 1.49 -1.30
N ASN A 355 -25.27 2.03 -0.12
CA ASN A 355 -24.60 1.32 0.96
C ASN A 355 -25.48 0.15 1.40
N ALA A 356 -24.89 -1.05 1.46
CA ALA A 356 -25.65 -2.23 1.86
C ALA A 356 -24.95 -2.98 2.99
N ASP A 357 -24.24 -2.27 3.86
CA ASP A 357 -23.62 -2.87 5.04
C ASP A 357 -24.67 -3.61 5.86
N PRO A 358 -24.29 -4.71 6.53
CA PRO A 358 -25.25 -5.40 7.39
C PRO A 358 -25.52 -4.68 8.70
N ALA A 359 -25.21 -3.39 8.76
CA ALA A 359 -25.32 -2.58 9.96
C ALA A 359 -26.76 -2.09 10.16
N THR A 360 -27.05 -1.59 11.38
CA THR A 360 -28.38 -1.12 11.71
C THR A 360 -28.44 0.30 12.24
N ASN A 361 -27.31 0.93 12.54
CA ASN A 361 -27.31 2.38 12.71
C ASN A 361 -27.75 3.06 11.43
N TRP A 362 -28.55 4.11 11.57
CA TRP A 362 -28.91 4.92 10.42
C TRP A 362 -27.66 5.36 9.69
N THR A 363 -27.65 5.25 8.37
CA THR A 363 -26.44 5.40 7.57
C THR A 363 -26.83 6.10 6.27
N LEU A 364 -25.95 6.96 5.77
CA LEU A 364 -26.20 7.66 4.51
C LEU A 364 -26.29 6.68 3.33
N ASN A 365 -27.10 7.05 2.34
CA ASN A 365 -27.17 6.39 1.02
C ASN A 365 -27.56 4.92 1.13
N VAL A 366 -28.37 4.57 2.14
CA VAL A 366 -28.91 3.23 2.29
C VAL A 366 -30.32 3.18 1.69
N SER A 367 -30.62 2.09 0.98
CA SER A 367 -31.97 1.86 0.48
C SER A 367 -32.83 1.28 1.61
N TYR A 368 -33.62 2.12 2.27
CA TYR A 368 -34.43 1.66 3.39
C TYR A 368 -35.79 1.18 2.92
N GLU A 369 -36.33 0.19 3.62
CA GLU A 369 -37.66 -0.33 3.38
C GLU A 369 -38.56 -0.03 4.56
N ALA A 370 -39.85 0.15 4.28
CA ALA A 370 -40.86 0.16 5.34
C ALA A 370 -40.65 -1.03 6.27
N GLY A 371 -40.54 -0.77 7.55
CA GLY A 371 -40.34 -1.82 8.51
C GLY A 371 -38.92 -1.95 9.04
N ASP A 372 -37.92 -1.44 8.30
CA ASP A 372 -36.57 -1.40 8.84
C ASP A 372 -36.54 -0.53 10.10
N VAL A 373 -35.65 -0.88 11.02
CA VAL A 373 -35.41 -0.10 12.24
C VAL A 373 -33.96 0.39 12.21
N VAL A 374 -33.75 1.68 12.51
CA VAL A 374 -32.42 2.26 12.49
C VAL A 374 -32.17 2.89 13.85
N THR A 375 -30.90 2.98 14.25
CA THR A 375 -30.55 3.67 15.47
C THR A 375 -29.77 4.94 15.14
N TYR A 376 -30.16 6.04 15.78
CA TYR A 376 -29.58 7.36 15.51
C TYR A 376 -29.58 8.18 16.79
N GLN A 377 -28.39 8.67 17.17
CA GLN A 377 -28.24 9.49 18.37
C GLN A 377 -28.85 8.79 19.59
N GLY A 378 -28.62 7.49 19.69
CA GLY A 378 -29.07 6.69 20.82
C GLY A 378 -30.52 6.24 20.79
N LEU A 379 -31.29 6.64 19.78
CA LEU A 379 -32.72 6.35 19.72
C LEU A 379 -33.02 5.50 18.50
N ARG A 380 -34.06 4.68 18.63
CA ARG A 380 -34.48 3.76 17.57
C ARG A 380 -35.67 4.33 16.82
N TYR A 381 -35.67 4.17 15.50
CA TYR A 381 -36.70 4.71 14.63
C TYR A 381 -37.14 3.64 13.66
N LEU A 382 -38.44 3.60 13.41
CA LEU A 382 -39.00 2.75 12.36
C LEU A 382 -39.07 3.52 11.05
N VAL A 383 -38.67 2.85 9.96
CA VAL A 383 -38.85 3.40 8.62
C VAL A 383 -40.30 3.22 8.19
N ASN A 384 -41.01 4.32 7.98
CA ASN A 384 -42.38 4.26 7.48
C ASN A 384 -42.45 4.19 5.97
N VAL A 385 -41.50 4.81 5.28
CA VAL A 385 -41.59 4.97 3.83
C VAL A 385 -40.28 4.55 3.17
N PRO A 386 -40.30 3.68 2.17
CA PRO A 386 -39.05 3.30 1.51
C PRO A 386 -38.41 4.50 0.83
N HIS A 387 -37.11 4.61 0.96
CA HIS A 387 -36.37 5.76 0.45
C HIS A 387 -34.89 5.45 0.61
N VAL A 388 -34.08 6.13 -0.19
CA VAL A 388 -32.63 6.12 -0.02
C VAL A 388 -32.27 7.27 0.91
N SER A 389 -31.52 6.97 1.97
CA SER A 389 -31.26 7.96 2.99
C SER A 389 -30.25 9.01 2.50
N GLN A 390 -30.43 10.24 2.97
CA GLN A 390 -29.52 11.34 2.67
C GLN A 390 -29.49 12.29 3.85
N ALA A 391 -28.53 13.22 3.81
CA ALA A 391 -28.27 14.07 4.98
C ALA A 391 -29.42 15.01 5.34
N ASP A 392 -30.31 15.35 4.40
CA ASP A 392 -31.48 16.14 4.74
C ASP A 392 -32.51 15.37 5.57
N TRP A 393 -32.38 14.06 5.68
CA TRP A 393 -33.47 13.21 6.13
C TRP A 393 -33.02 12.37 7.30
N THR A 394 -32.37 13.01 8.28
CA THR A 394 -31.96 12.32 9.48
C THR A 394 -33.20 11.89 10.25
N PRO A 395 -33.19 10.70 10.85
CA PRO A 395 -34.42 10.18 11.49
C PRO A 395 -35.06 11.12 12.49
N ASN A 396 -34.24 11.86 13.26
CA ASN A 396 -34.76 12.69 14.34
C ASN A 396 -35.55 13.87 13.84
N THR A 397 -35.36 14.30 12.58
CA THR A 397 -36.07 15.46 12.07
C THR A 397 -37.06 15.15 10.96
N GLN A 398 -36.99 13.96 10.35
CA GLN A 398 -37.86 13.63 9.22
C GLN A 398 -39.03 12.77 9.72
N ASN A 399 -40.14 13.44 10.07
CA ASN A 399 -41.26 12.80 10.74
C ASN A 399 -42.13 11.95 9.82
N THR A 400 -42.02 12.17 8.50
CA THR A 400 -42.76 11.34 7.53
C THR A 400 -42.09 10.00 7.35
N LEU A 401 -40.80 10.01 7.00
CA LEU A 401 -40.11 8.79 6.65
C LEU A 401 -39.80 7.92 7.87
N PHE A 402 -39.68 8.53 9.06
CA PHE A 402 -39.36 7.80 10.28
C PHE A 402 -40.28 8.18 11.43
N THR A 403 -40.46 7.23 12.34
CA THR A 403 -41.16 7.44 13.60
C THR A 403 -40.34 6.84 14.72
N ALA A 404 -40.09 7.59 15.78
CA ALA A 404 -39.39 7.03 16.93
C ALA A 404 -40.21 5.91 17.53
N LEU A 405 -39.54 4.83 17.91
CA LEU A 405 -40.23 3.73 18.58
C LEU A 405 -40.68 4.13 19.99
N ARG A 406 -39.95 5.03 20.64
CA ARG A 406 -40.28 5.62 21.95
C ARG A 406 -40.15 4.56 23.04
N ALA B 3 -18.20 37.97 5.48
CA ALA B 3 -17.36 36.90 6.04
C ALA B 3 -16.90 37.23 7.47
N PRO B 4 -16.61 36.19 8.26
CA PRO B 4 -16.22 36.42 9.66
C PRO B 4 -14.75 36.76 9.82
N LYS B 5 -14.45 37.49 10.90
CA LYS B 5 -13.06 37.81 11.24
C LYS B 5 -12.20 36.55 11.28
N GLY B 6 -12.74 35.46 11.81
CA GLY B 6 -12.01 34.21 11.87
C GLY B 6 -12.87 33.18 12.56
N THR B 7 -12.32 31.97 12.70
CA THR B 7 -12.98 30.85 13.34
C THR B 7 -12.21 30.44 14.60
N ILE B 8 -12.93 30.27 15.69
CA ILE B 8 -12.38 29.81 16.97
C ILE B 8 -12.91 28.40 17.24
N TYR B 9 -11.99 27.48 17.53
CA TYR B 9 -12.33 26.12 17.93
C TYR B 9 -12.06 25.98 19.42
N LEU B 10 -13.10 26.13 20.24
CA LEU B 10 -12.97 25.90 21.68
C LEU B 10 -12.81 24.40 21.94
N THR B 11 -11.69 24.00 22.53
CA THR B 11 -11.45 22.60 22.82
C THR B 11 -11.18 22.41 24.31
N PHE B 12 -11.79 21.37 24.88
CA PHE B 12 -11.79 21.15 26.33
C PHE B 12 -11.15 19.80 26.64
N ASP B 13 -10.09 19.84 27.45
CA ASP B 13 -9.30 18.65 27.75
C ASP B 13 -9.57 18.12 29.14
N ASP B 14 -9.68 16.78 29.23
CA ASP B 14 -9.44 15.95 30.41
C ASP B 14 -10.71 15.49 31.11
N GLY B 15 -11.88 15.85 30.57
CA GLY B 15 -13.13 15.28 31.01
C GLY B 15 -13.26 13.84 30.56
N PRO B 16 -14.45 13.23 30.76
CA PRO B 16 -15.62 13.90 31.35
C PRO B 16 -15.57 13.84 32.87
N ILE B 17 -15.84 14.96 33.53
CA ILE B 17 -15.94 15.01 34.98
C ILE B 17 -17.19 15.83 35.33
N ASN B 18 -17.54 15.83 36.62
CA ASN B 18 -18.72 16.57 37.05
C ASN B 18 -18.70 18.00 36.51
N ALA B 19 -17.53 18.63 36.48
CA ALA B 19 -17.42 20.02 36.06
C ALA B 19 -17.72 20.19 34.57
N SER B 20 -17.41 19.18 33.75
CA SER B 20 -17.72 19.25 32.33
C SER B 20 -19.18 19.65 32.09
N ILE B 21 -20.08 19.18 32.95
CA ILE B 21 -21.50 19.54 32.83
C ILE B 21 -21.65 21.05 32.85
N ASP B 22 -21.06 21.71 33.84
CA ASP B 22 -21.27 23.15 33.99
C ASP B 22 -20.62 23.93 32.86
N VAL B 23 -19.49 23.43 32.33
CA VAL B 23 -18.90 24.05 31.14
C VAL B 23 -19.85 23.92 29.95
N ILE B 24 -20.46 22.74 29.79
CA ILE B 24 -21.35 22.50 28.64
C ILE B 24 -22.59 23.37 28.72
N ASN B 25 -23.12 23.58 29.91
CA ASN B 25 -24.28 24.44 30.04
C ASN B 25 -23.96 25.89 29.68
N VAL B 26 -22.74 26.36 29.97
CA VAL B 26 -22.35 27.70 29.56
C VAL B 26 -22.37 27.81 28.04
N LEU B 27 -21.78 26.83 27.35
CA LEU B 27 -21.76 26.87 25.89
C LEU B 27 -23.16 26.74 25.30
N ASN B 28 -24.02 25.91 25.90
CA ASN B 28 -25.34 25.71 25.32
C ASN B 28 -26.22 26.96 25.45
N GLU B 29 -26.00 27.76 26.50
CA GLU B 29 -26.74 29.00 26.67
C GLU B 29 -26.53 29.96 25.50
N GLN B 30 -25.37 29.89 24.86
CA GLN B 30 -25.08 30.76 23.73
C GLN B 30 -25.03 29.99 22.40
N GLY B 31 -25.43 28.72 22.39
CA GLY B 31 -25.42 27.93 21.17
C GLY B 31 -24.05 27.52 20.65
N VAL B 32 -22.98 27.78 21.38
CA VAL B 32 -21.64 27.43 20.93
C VAL B 32 -21.43 25.93 21.08
N LYS B 33 -20.74 25.32 20.12
CA LYS B 33 -20.41 23.90 20.20
C LYS B 33 -18.91 23.75 20.47
N GLY B 34 -18.57 22.82 21.34
CA GLY B 34 -17.18 22.60 21.69
C GLY B 34 -16.65 21.22 21.33
N THR B 35 -15.33 21.08 21.27
CA THR B 35 -14.71 19.79 21.06
C THR B 35 -14.09 19.33 22.37
N PHE B 36 -14.52 18.17 22.85
CA PHE B 36 -14.08 17.63 24.14
C PHE B 36 -13.16 16.45 23.91
N TYR B 37 -11.97 16.51 24.52
CA TYR B 37 -10.95 15.47 24.39
C TYR B 37 -10.95 14.68 25.70
N PHE B 38 -11.62 13.52 25.68
CA PHE B 38 -12.02 12.82 26.90
C PHE B 38 -11.07 11.67 27.24
N ASN B 39 -10.88 11.46 28.55
CA ASN B 39 -10.21 10.28 29.09
C ASN B 39 -11.24 9.45 29.83
N ALA B 40 -11.43 8.20 29.40
CA ALA B 40 -12.52 7.40 29.92
C ALA B 40 -12.28 6.91 31.34
N TRP B 41 -11.05 7.02 31.87
CA TRP B 41 -10.82 6.60 33.25
C TRP B 41 -11.63 7.42 34.25
N HIS B 42 -12.22 8.54 33.83
CA HIS B 42 -13.19 9.21 34.68
C HIS B 42 -14.52 8.47 34.72
N LEU B 43 -14.87 7.73 33.66
CA LEU B 43 -16.07 6.91 33.71
C LEU B 43 -15.88 5.75 34.69
N ASP B 44 -14.66 5.21 34.76
CA ASP B 44 -14.35 4.14 35.69
C ASP B 44 -14.15 4.62 37.13
N GLY B 45 -14.18 5.94 37.36
CA GLY B 45 -14.05 6.47 38.70
C GLY B 45 -12.69 6.34 39.35
N ILE B 46 -11.62 6.14 38.58
CA ILE B 46 -10.28 5.99 39.16
C ILE B 46 -9.39 7.20 38.82
N GLY B 47 -9.98 8.28 38.31
CA GLY B 47 -9.24 9.41 37.80
C GLY B 47 -9.05 10.57 38.76
N ASP B 48 -9.36 10.38 40.04
CA ASP B 48 -8.96 11.31 41.10
C ASP B 48 -9.50 12.71 40.88
N GLU B 49 -10.69 12.81 40.31
CA GLU B 49 -11.43 14.06 40.26
C GLU B 49 -12.82 13.79 40.81
N ASN B 50 -13.57 14.87 41.01
CA ASN B 50 -15.01 14.73 41.21
C ASN B 50 -15.61 14.26 39.90
N GLU B 51 -15.95 12.97 39.83
CA GLU B 51 -16.36 12.44 38.54
C GLU B 51 -17.53 11.47 38.63
N ASP B 52 -18.33 11.53 39.71
CA ASP B 52 -19.46 10.62 39.83
C ASP B 52 -20.51 10.85 38.73
N ARG B 53 -20.50 12.02 38.07
CA ARG B 53 -21.45 12.31 37.01
C ARG B 53 -20.81 12.27 35.62
N ALA B 54 -19.71 11.51 35.47
CA ALA B 54 -18.97 11.51 34.22
C ALA B 54 -19.81 10.98 33.06
N LEU B 55 -20.61 9.93 33.30
CA LEU B 55 -21.45 9.40 32.24
C LEU B 55 -22.52 10.40 31.84
N GLU B 56 -23.13 11.06 32.82
CA GLU B 56 -24.08 12.12 32.52
C GLU B 56 -23.42 13.22 31.69
N ALA B 57 -22.16 13.53 31.99
CA ALA B 57 -21.44 14.53 31.23
C ALA B 57 -21.23 14.08 29.80
N LEU B 58 -20.77 12.83 29.61
CA LEU B 58 -20.60 12.28 28.26
C LEU B 58 -21.90 12.33 27.48
N LYS B 59 -23.00 11.83 28.08
CA LYS B 59 -24.31 11.89 27.44
C LYS B 59 -24.70 13.31 27.10
N LEU B 60 -24.49 14.25 28.02
CA LEU B 60 -24.88 15.63 27.78
C LEU B 60 -24.10 16.24 26.62
N ALA B 61 -22.79 16.00 26.57
CA ALA B 61 -21.98 16.47 25.46
C ALA B 61 -22.55 15.96 24.13
N LEU B 62 -22.78 14.64 24.04
CA LEU B 62 -23.29 14.04 22.81
C LEU B 62 -24.71 14.52 22.51
N ASP B 63 -25.54 14.63 23.53
CA ASP B 63 -26.95 14.90 23.26
C ASP B 63 -27.20 16.34 22.87
N THR B 64 -26.32 17.28 23.27
CA THR B 64 -26.49 18.69 22.94
C THR B 64 -25.52 19.17 21.87
N GLY B 65 -24.88 18.25 21.14
CA GLY B 65 -24.29 18.58 19.86
C GLY B 65 -22.80 18.80 19.83
N HIS B 66 -22.10 18.61 20.94
CA HIS B 66 -20.65 18.81 20.99
C HIS B 66 -19.92 17.58 20.47
N VAL B 67 -18.68 17.80 20.06
CA VAL B 67 -17.86 16.78 19.42
C VAL B 67 -17.00 16.10 20.47
N VAL B 68 -17.07 14.78 20.52
CA VAL B 68 -16.29 13.99 21.47
C VAL B 68 -15.10 13.39 20.73
N ALA B 69 -13.90 13.65 21.23
CA ALA B 69 -12.68 13.18 20.59
C ALA B 69 -11.83 12.43 21.62
N ASN B 70 -10.73 11.85 21.15
CA ASN B 70 -9.97 10.85 21.90
C ASN B 70 -8.75 11.50 22.55
N HIS B 71 -8.68 11.43 23.88
CA HIS B 71 -7.51 11.94 24.61
C HIS B 71 -6.74 10.83 25.33
N SER B 72 -7.01 9.55 24.99
CA SER B 72 -6.43 8.35 25.60
C SER B 72 -7.12 8.00 26.93
N TYR B 73 -6.96 6.76 27.36
CA TYR B 73 -7.82 6.21 28.41
C TYR B 73 -7.54 6.83 29.79
N ALA B 74 -6.25 6.93 30.16
CA ALA B 74 -5.90 7.42 31.49
C ALA B 74 -4.76 8.42 31.40
N HIS B 75 -4.62 9.06 30.24
CA HIS B 75 -3.81 10.26 30.16
C HIS B 75 -2.34 9.97 30.39
N MET B 76 -1.89 8.77 30.03
CA MET B 76 -0.53 8.28 30.21
C MET B 76 -0.13 8.17 31.67
N VAL B 77 -1.10 8.22 32.60
CA VAL B 77 -0.74 8.17 34.02
C VAL B 77 -0.13 6.81 34.40
N HIS B 78 -0.31 5.76 33.57
CA HIS B 78 0.43 4.52 33.79
C HIS B 78 1.95 4.74 33.65
N ASN B 79 2.36 5.77 32.93
CA ASN B 79 3.79 6.10 32.85
C ASN B 79 4.27 6.93 34.03
N CYS B 80 3.38 7.35 34.92
CA CYS B 80 3.75 8.17 36.06
C CYS B 80 3.98 7.35 37.33
N VAL B 81 3.38 6.18 37.45
CA VAL B 81 3.55 5.31 38.62
C VAL B 81 4.30 4.05 38.22
N ASP B 82 4.51 3.16 39.20
CA ASP B 82 5.18 1.88 38.98
C ASP B 82 4.23 0.82 38.43
N GLU B 83 3.04 0.71 39.02
CA GLU B 83 2.04 -0.26 38.59
C GLU B 83 0.69 0.42 38.54
N PHE B 84 0.14 0.59 37.34
CA PHE B 84 -1.10 1.32 37.17
C PHE B 84 -2.26 0.55 37.79
N GLY B 85 -3.07 1.24 38.57
CA GLY B 85 -4.25 0.67 39.15
C GLY B 85 -5.18 1.77 39.62
N PRO B 86 -6.19 1.41 40.41
CA PRO B 86 -7.27 2.36 40.69
C PRO B 86 -6.85 3.56 41.50
N THR B 87 -5.69 3.55 42.17
CA THR B 87 -5.23 4.72 42.91
C THR B 87 -4.03 5.40 42.28
N SER B 88 -3.63 4.98 41.07
CA SER B 88 -2.51 5.62 40.39
C SER B 88 -2.78 7.09 40.11
N GLY B 89 -4.04 7.45 39.89
CA GLY B 89 -4.41 8.83 39.71
C GLY B 89 -4.00 9.75 40.84
N ALA B 90 -4.47 9.47 42.07
CA ALA B 90 -4.10 10.30 43.21
C ALA B 90 -2.61 10.21 43.49
N GLU B 91 -2.05 9.01 43.38
CA GLU B 91 -0.62 8.81 43.57
C GLU B 91 0.19 9.75 42.69
N CYS B 92 -0.21 9.87 41.41
CA CYS B 92 0.55 10.73 40.50
C CYS B 92 0.26 12.21 40.75
N ASN B 93 -0.94 12.53 41.23
CA ASN B 93 -1.22 13.92 41.59
C ASN B 93 -0.38 14.37 42.78
N ALA B 94 -0.21 13.50 43.78
CA ALA B 94 0.58 13.87 44.95
C ALA B 94 2.00 14.27 44.56
N THR B 95 2.60 13.57 43.60
CA THR B 95 3.93 13.96 43.15
C THR B 95 3.89 15.07 42.12
N GLY B 96 2.80 15.18 41.37
CA GLY B 96 2.77 16.12 40.25
C GLY B 96 3.79 15.80 39.18
N ASP B 97 4.16 14.53 39.03
CA ASP B 97 5.19 14.10 38.08
C ASP B 97 4.61 13.64 36.75
N HIS B 98 3.52 14.27 36.31
CA HIS B 98 2.82 13.84 35.10
C HIS B 98 3.71 13.93 33.86
N GLN B 99 4.52 15.00 33.77
CA GLN B 99 5.36 15.20 32.59
C GLN B 99 6.60 14.33 32.58
N ILE B 100 6.91 13.64 33.66
CA ILE B 100 8.17 12.92 33.77
C ILE B 100 7.95 11.49 33.31
N ASN B 101 8.64 11.12 32.23
CA ASN B 101 8.49 9.81 31.59
C ASN B 101 7.05 9.59 31.13
N ALA B 102 6.37 10.68 30.73
CA ALA B 102 4.97 10.61 30.31
C ALA B 102 4.74 9.59 29.20
N TYR B 103 5.69 9.45 28.29
CA TYR B 103 5.65 8.44 27.24
C TYR B 103 6.88 7.56 27.37
N GLN B 104 6.68 6.25 27.25
CA GLN B 104 7.77 5.29 27.40
C GLN B 104 7.73 4.28 26.28
N ASP B 105 6.74 3.40 26.30
CA ASP B 105 6.53 2.45 25.23
C ASP B 105 5.50 3.03 24.26
N PRO B 106 5.90 3.48 23.09
CA PRO B 106 4.92 4.15 22.21
C PRO B 106 3.82 3.22 21.75
N VAL B 107 4.17 2.01 21.32
CA VAL B 107 3.15 1.01 20.98
C VAL B 107 2.13 0.90 22.10
N TYR B 108 2.60 0.74 23.35
CA TYR B 108 1.63 0.55 24.42
C TYR B 108 0.85 1.81 24.71
N ASP B 109 1.53 2.97 24.78
CA ASP B 109 0.82 4.20 25.10
C ASP B 109 -0.20 4.54 24.02
N ALA B 110 0.11 4.23 22.75
CA ALA B 110 -0.86 4.43 21.69
C ALA B 110 -2.08 3.53 21.87
N SER B 111 -1.87 2.31 22.37
CA SER B 111 -2.99 1.39 22.50
C SER B 111 -3.99 1.85 23.56
N THR B 112 -3.57 2.72 24.49
CA THR B 112 -4.54 3.32 25.41
C THR B 112 -5.49 4.29 24.73
N PHE B 113 -5.21 4.70 23.48
CA PHE B 113 -6.23 5.39 22.71
C PHE B 113 -7.30 4.42 22.22
N ALA B 114 -6.88 3.22 21.79
CA ALA B 114 -7.86 2.19 21.42
C ALA B 114 -8.64 1.71 22.63
N ASP B 115 -7.98 1.56 23.79
CA ASP B 115 -8.69 1.19 25.01
C ASP B 115 -9.72 2.25 25.36
N ASN B 116 -9.38 3.53 25.16
CA ASN B 116 -10.31 4.60 25.48
C ASN B 116 -11.66 4.37 24.81
N LEU B 117 -11.64 3.88 23.56
CA LEU B 117 -12.87 3.69 22.78
C LEU B 117 -13.69 2.52 23.29
N VAL B 118 -13.02 1.43 23.70
CA VAL B 118 -13.75 0.30 24.26
C VAL B 118 -14.49 0.71 25.53
N VAL B 119 -13.89 1.56 26.35
CA VAL B 119 -14.56 1.97 27.58
C VAL B 119 -15.73 2.89 27.27
N PHE B 120 -15.56 3.82 26.31
CA PHE B 120 -16.70 4.62 25.86
C PHE B 120 -17.85 3.75 25.37
N GLU B 121 -17.54 2.76 24.51
CA GLU B 121 -18.55 1.87 23.96
C GLU B 121 -19.13 0.92 25.00
N ARG B 122 -18.50 0.80 26.16
CA ARG B 122 -19.06 -0.05 27.21
C ARG B 122 -19.99 0.72 28.15
N TYR B 123 -19.70 1.99 28.46
CA TYR B 123 -20.65 2.76 29.23
C TYR B 123 -21.77 3.36 28.40
N LEU B 124 -21.58 3.49 27.08
CA LEU B 124 -22.58 4.09 26.20
C LEU B 124 -22.69 3.21 24.95
N PRO B 125 -23.45 2.12 25.01
CA PRO B 125 -23.41 1.13 23.93
C PRO B 125 -23.85 1.63 22.57
N ASN B 126 -24.61 2.72 22.50
CA ASN B 126 -25.02 3.28 21.21
C ASN B 126 -24.22 4.51 20.81
N ILE B 127 -23.01 4.67 21.35
CA ILE B 127 -22.28 5.92 21.15
C ILE B 127 -21.97 6.13 19.67
N ASN B 128 -21.68 5.06 18.92
CA ASN B 128 -21.32 5.21 17.52
C ASN B 128 -22.52 5.57 16.64
N SER B 129 -23.73 5.56 17.17
CA SER B 129 -24.90 6.07 16.45
C SER B 129 -24.99 7.60 16.52
N TYR B 130 -24.02 8.27 17.14
CA TYR B 130 -24.03 9.74 17.22
C TYR B 130 -23.13 10.32 16.16
N PRO B 131 -23.60 11.22 15.30
CA PRO B 131 -22.70 11.81 14.31
C PRO B 131 -21.57 12.61 14.94
N ASN B 132 -21.75 13.17 16.14
CA ASN B 132 -20.73 14.01 16.75
C ASN B 132 -19.73 13.23 17.59
N TYR B 133 -19.78 11.91 17.56
CA TYR B 133 -18.81 11.08 18.25
C TYR B 133 -17.65 10.81 17.30
N PHE B 134 -16.49 11.42 17.57
CA PHE B 134 -15.35 11.34 16.67
C PHE B 134 -14.18 10.63 17.31
N GLY B 135 -14.46 9.80 18.32
CA GLY B 135 -13.40 9.16 19.09
C GLY B 135 -12.43 8.32 18.28
N GLU B 136 -12.85 7.83 17.12
CA GLU B 136 -11.94 7.01 16.30
C GLU B 136 -11.16 7.83 15.29
N GLU B 137 -11.52 9.09 15.09
CA GLU B 137 -10.92 9.90 14.05
C GLU B 137 -10.18 11.13 14.55
N LEU B 138 -10.44 11.60 15.78
CA LEU B 138 -9.85 12.85 16.29
C LEU B 138 -9.15 12.59 17.62
N ALA B 139 -7.87 12.91 17.69
CA ALA B 139 -7.10 12.70 18.91
C ALA B 139 -6.26 13.93 19.22
N ARG B 140 -5.87 14.02 20.50
CA ARG B 140 -4.87 14.97 20.99
C ARG B 140 -4.02 14.28 22.04
N LEU B 141 -2.69 14.42 21.93
CA LEU B 141 -1.80 13.70 22.85
C LEU B 141 -1.69 14.44 24.19
N PRO B 142 -1.83 13.74 25.31
CA PRO B 142 -1.59 14.38 26.62
C PRO B 142 -0.27 15.14 26.65
N TYR B 143 -0.31 16.38 27.17
CA TYR B 143 0.83 17.25 27.47
C TYR B 143 1.52 17.85 26.24
N THR B 144 1.10 17.44 25.04
CA THR B 144 1.93 17.57 23.84
C THR B 144 1.19 18.34 22.76
N ASN B 145 1.67 19.54 22.45
CA ASN B 145 1.13 20.36 21.35
C ASN B 145 1.65 19.79 20.03
N GLY B 146 1.03 18.70 19.60
CA GLY B 146 1.44 17.99 18.41
C GLY B 146 0.32 17.95 17.40
N TRP B 147 0.67 18.02 16.12
CA TRP B 147 -0.28 18.12 15.03
C TRP B 147 -0.01 17.02 14.01
N ARG B 148 -1.08 16.37 13.54
CA ARG B 148 -1.04 15.49 12.36
C ARG B 148 -2.32 15.78 11.59
N ILE B 149 -2.24 16.68 10.61
CA ILE B 149 -3.40 17.16 9.86
C ILE B 149 -3.40 16.64 8.43
N THR B 150 -2.39 17.01 7.65
CA THR B 150 -2.21 16.44 6.33
C THR B 150 -0.79 15.92 6.21
N LYS B 151 -0.50 15.33 5.05
CA LYS B 151 0.85 14.87 4.74
C LYS B 151 1.89 15.99 4.85
N ASP B 152 1.48 17.25 4.72
CA ASP B 152 2.40 18.37 4.73
C ASP B 152 2.11 19.36 5.85
N PHE B 153 1.30 18.94 6.83
CA PHE B 153 0.88 19.77 7.96
C PHE B 153 1.06 18.89 9.20
N LYS B 154 2.22 18.98 9.84
CA LYS B 154 2.61 18.15 10.96
C LYS B 154 3.48 18.98 11.90
N ALA B 155 3.41 18.67 13.20
CA ALA B 155 4.20 19.36 14.19
C ALA B 155 4.38 18.46 15.40
N ASP B 156 5.48 18.66 16.13
CA ASP B 156 5.76 17.88 17.34
C ASP B 156 6.25 18.81 18.43
N GLY B 157 5.71 18.63 19.64
CA GLY B 157 6.20 19.36 20.78
C GLY B 157 7.48 18.76 21.34
N LEU B 158 8.63 19.29 20.92
CA LEU B 158 9.91 18.69 21.29
C LEU B 158 10.32 18.91 22.74
N CYS B 159 9.57 19.71 23.51
CA CYS B 159 9.85 19.87 24.93
C CYS B 159 8.63 19.60 25.79
N ALA B 160 7.63 18.91 25.26
CA ALA B 160 6.36 18.76 25.98
C ALA B 160 6.54 17.97 27.26
N THR B 161 7.38 16.93 27.24
CA THR B 161 7.58 16.03 28.36
C THR B 161 9.08 15.78 28.53
N SER B 162 9.46 15.21 29.67
CA SER B 162 10.86 15.18 30.04
C SER B 162 11.20 13.86 30.70
N ASP B 163 12.49 13.56 30.76
CA ASP B 163 12.99 12.38 31.42
C ASP B 163 13.37 12.61 32.89
N ASP B 164 13.38 13.86 33.36
CA ASP B 164 13.79 14.09 34.74
C ASP B 164 13.18 15.35 35.37
N LEU B 165 13.59 16.52 34.90
CA LEU B 165 13.15 17.78 35.49
C LEU B 165 11.90 18.29 34.79
N LYS B 166 10.94 18.78 35.58
CA LYS B 166 9.80 19.48 35.01
C LYS B 166 10.29 20.76 34.32
N PRO B 167 9.62 21.18 33.23
CA PRO B 167 10.11 22.37 32.49
C PRO B 167 10.18 23.64 33.31
N TRP B 168 9.42 23.72 34.41
CA TRP B 168 9.36 24.90 35.25
C TRP B 168 10.28 24.80 36.46
N GLU B 169 11.20 23.85 36.47
CA GLU B 169 12.13 23.71 37.59
C GLU B 169 13.47 24.32 37.27
N PRO B 170 14.21 24.73 38.30
CA PRO B 170 15.60 25.16 38.09
C PRO B 170 16.41 24.05 37.41
N GLY B 171 17.15 24.42 36.39
CA GLY B 171 18.04 23.47 35.75
C GLY B 171 17.47 22.77 34.53
N TYR B 172 16.15 22.83 34.33
CA TYR B 172 15.55 22.26 33.14
C TYR B 172 16.20 22.85 31.90
N VAL B 173 16.50 21.98 30.94
CA VAL B 173 17.00 22.41 29.64
C VAL B 173 16.50 21.41 28.61
N CYS B 174 16.14 21.90 27.44
CA CYS B 174 15.70 21.03 26.37
C CYS B 174 16.54 21.27 25.13
N ASP B 175 17.40 20.32 24.81
CA ASP B 175 18.09 20.31 23.53
C ASP B 175 17.10 19.94 22.44
N LEU B 176 16.85 20.87 21.51
CA LEU B 176 15.93 20.56 20.41
C LEU B 176 16.53 19.57 19.43
N ASP B 177 17.84 19.39 19.45
CA ASP B 177 18.52 18.46 18.55
C ASP B 177 18.58 17.04 19.10
N ASN B 178 18.53 16.88 20.42
CA ASN B 178 18.21 15.59 21.01
C ASN B 178 17.11 15.78 22.03
N PRO B 179 15.85 15.55 21.65
CA PRO B 179 14.76 15.65 22.63
C PRO B 179 14.81 14.50 23.62
N SER B 180 14.03 14.66 24.69
CA SER B 180 13.95 13.63 25.73
C SER B 180 13.47 12.29 25.17
N ASN B 181 13.79 11.22 25.90
CA ASN B 181 13.28 9.90 25.54
C ASN B 181 11.75 9.90 25.49
N SER B 182 11.12 10.59 26.45
CA SER B 182 9.66 10.70 26.49
C SER B 182 9.12 11.42 25.26
N VAL B 183 9.67 12.59 24.95
CA VAL B 183 9.26 13.31 23.74
C VAL B 183 9.42 12.42 22.52
N LYS B 184 10.58 11.77 22.39
CA LYS B 184 10.77 10.87 21.25
C LYS B 184 9.72 9.77 21.22
N ALA B 185 9.27 9.29 22.38
CA ALA B 185 8.22 8.28 22.38
C ALA B 185 6.89 8.88 21.96
N SER B 186 6.58 10.10 22.40
CA SER B 186 5.33 10.74 21.99
C SER B 186 5.28 10.93 20.48
N ILE B 187 6.43 11.18 19.85
CA ILE B 187 6.44 11.35 18.40
C ILE B 187 6.01 10.05 17.72
N GLU B 188 6.50 8.90 18.20
CA GLU B 188 6.08 7.65 17.60
C GLU B 188 4.61 7.36 17.91
N VAL B 189 4.10 7.82 19.06
CA VAL B 189 2.68 7.71 19.34
C VAL B 189 1.87 8.51 18.32
N GLN B 190 2.31 9.74 18.02
CA GLN B 190 1.70 10.50 16.94
C GLN B 190 1.59 9.67 15.67
N ASN B 191 2.70 9.05 15.27
CA ASN B 191 2.72 8.38 13.97
C ASN B 191 1.79 7.17 13.96
N ILE B 192 1.77 6.41 15.06
CA ILE B 192 0.92 5.23 15.13
C ILE B 192 -0.54 5.64 14.97
N LEU B 193 -0.95 6.72 15.66
CA LEU B 193 -2.32 7.20 15.54
C LEU B 193 -2.64 7.64 14.12
N ALA B 194 -1.73 8.41 13.49
CA ALA B 194 -1.96 8.84 12.11
C ALA B 194 -2.16 7.64 11.17
N ASN B 195 -1.42 6.55 11.40
CA ASN B 195 -1.56 5.36 10.58
C ASN B 195 -2.86 4.60 10.85
N LYS B 196 -3.54 4.88 11.95
CA LYS B 196 -4.87 4.31 12.19
C LYS B 196 -5.98 5.26 11.80
N GLY B 197 -5.68 6.32 11.05
CA GLY B 197 -6.67 7.22 10.50
C GLY B 197 -6.95 8.45 11.34
N TYR B 198 -6.21 8.67 12.41
CA TYR B 198 -6.45 9.83 13.26
C TYR B 198 -5.87 11.09 12.65
N GLN B 199 -6.51 12.22 12.95
CA GLN B 199 -5.85 13.51 12.96
C GLN B 199 -5.68 13.94 14.41
N THR B 200 -4.51 14.50 14.72
CA THR B 200 -4.25 15.11 16.02
C THR B 200 -4.13 16.62 15.85
N HIS B 201 -4.77 17.35 16.75
CA HIS B 201 -4.77 18.81 16.74
C HIS B 201 -4.13 19.28 18.03
N GLY B 202 -3.18 20.21 17.92
CA GLY B 202 -2.65 20.87 19.09
C GLY B 202 -3.49 22.08 19.45
N TRP B 203 -2.85 23.21 19.75
CA TRP B 203 -3.60 24.42 20.07
C TRP B 203 -2.75 25.65 19.75
N ASP B 204 -3.45 26.77 19.58
CA ASP B 204 -2.83 28.07 19.34
C ASP B 204 -2.67 28.85 20.63
N VAL B 205 -3.72 28.88 21.45
CA VAL B 205 -3.77 29.61 22.70
C VAL B 205 -4.30 28.67 23.77
N ASP B 206 -3.84 28.88 25.00
CA ASP B 206 -4.11 28.02 26.14
C ASP B 206 -4.63 28.90 27.27
N TRP B 207 -5.90 28.72 27.62
CA TRP B 207 -6.51 29.42 28.74
C TRP B 207 -6.22 28.66 30.04
N SER B 208 -4.94 28.60 30.37
CA SER B 208 -4.46 27.82 31.51
C SER B 208 -3.45 28.68 32.28
N PRO B 209 -2.98 28.25 33.45
CA PRO B 209 -1.85 28.95 34.05
C PRO B 209 -0.63 28.84 33.15
N GLU B 210 0.14 29.94 33.08
CA GLU B 210 1.39 29.92 32.32
C GLU B 210 2.29 28.77 32.76
N ASN B 211 2.16 28.34 34.00
CA ASN B 211 3.14 27.51 34.69
C ASN B 211 2.37 26.42 35.44
N TRP B 212 2.50 25.17 34.98
CA TRP B 212 1.77 24.06 35.61
C TRP B 212 2.37 23.63 36.95
N GLY B 213 3.33 24.38 37.48
CA GLY B 213 3.87 24.12 38.80
C GLY B 213 3.26 25.04 39.85
N ILE B 214 2.51 26.04 39.41
CA ILE B 214 1.88 26.97 40.37
C ILE B 214 0.74 26.25 41.09
N PRO B 215 0.61 26.41 42.41
CA PRO B 215 -0.20 25.47 43.21
C PRO B 215 -1.71 25.66 43.15
N MET B 216 -2.21 26.84 42.75
CA MET B 216 -3.65 27.04 42.52
C MET B 216 -3.81 27.43 41.06
N PRO B 217 -3.78 26.44 40.15
CA PRO B 217 -3.77 26.76 38.71
C PRO B 217 -5.06 27.38 38.21
N ALA B 218 -6.13 27.23 38.95
CA ALA B 218 -7.41 27.77 38.46
C ALA B 218 -7.63 29.17 39.02
N ASN B 219 -6.73 29.62 39.89
CA ASN B 219 -7.02 30.88 40.60
C ASN B 219 -6.99 32.10 39.68
N SER B 220 -5.84 32.48 39.17
CA SER B 220 -5.89 33.75 38.40
C SER B 220 -5.67 33.50 36.90
N LEU B 221 -6.77 33.26 36.19
CA LEU B 221 -6.68 32.95 34.75
C LEU B 221 -7.00 34.24 33.99
N THR B 222 -6.59 34.30 32.73
CA THR B 222 -6.75 35.52 31.94
C THR B 222 -8.17 35.97 31.84
N GLU B 223 -8.38 37.25 32.05
CA GLU B 223 -9.69 37.87 31.90
C GLU B 223 -10.19 37.69 30.46
N ALA B 224 -11.53 37.72 30.31
CA ALA B 224 -12.14 37.46 29.01
C ALA B 224 -11.67 38.46 27.96
N GLU B 225 -11.74 39.76 28.30
CA GLU B 225 -11.33 40.79 27.36
C GLU B 225 -9.87 40.62 26.95
N ALA B 226 -9.01 40.28 27.91
CA ALA B 226 -7.61 40.06 27.56
C ALA B 226 -7.43 38.76 26.79
N PHE B 227 -8.24 37.74 27.08
CA PHE B 227 -8.08 36.50 26.33
C PHE B 227 -8.45 36.70 24.87
N LEU B 228 -9.47 37.52 24.61
CA LEU B 228 -9.81 37.87 23.23
C LEU B 228 -8.65 38.55 22.52
N GLY B 229 -7.87 39.36 23.25
CA GLY B 229 -6.67 39.94 22.68
C GLY B 229 -5.63 38.88 22.32
N TYR B 230 -5.45 37.89 23.20
CA TYR B 230 -4.56 36.77 22.88
C TYR B 230 -5.04 36.03 21.64
N VAL B 231 -6.36 35.89 21.48
CA VAL B 231 -6.90 35.25 20.28
C VAL B 231 -6.60 36.08 19.05
N ASP B 232 -6.88 37.40 19.11
CA ASP B 232 -6.56 38.31 18.00
C ASP B 232 -5.09 38.19 17.60
N ALA B 233 -4.20 38.08 18.59
CA ALA B 233 -2.77 38.04 18.32
C ALA B 233 -2.32 36.71 17.76
N ALA B 234 -3.09 35.64 18.01
CA ALA B 234 -2.79 34.33 17.45
C ALA B 234 -3.26 34.18 16.02
N LEU B 235 -4.12 35.07 15.55
CA LEU B 235 -4.74 34.91 14.24
C LEU B 235 -3.69 35.13 13.14
N ASN B 236 -3.43 34.08 12.37
CA ASN B 236 -2.52 34.16 11.22
C ASN B 236 -1.12 34.62 11.64
N SER B 237 -0.66 34.14 12.80
CA SER B 237 0.65 34.56 13.29
C SER B 237 1.47 33.41 13.86
N CYS B 238 1.18 32.17 13.45
CA CYS B 238 1.96 30.99 13.84
C CYS B 238 2.12 30.88 15.35
N ALA B 239 1.01 31.06 16.08
CA ALA B 239 1.04 30.98 17.53
C ALA B 239 1.56 29.65 18.10
N PRO B 240 1.39 28.49 17.46
CA PRO B 240 1.96 27.26 18.04
C PRO B 240 3.48 27.28 18.16
N THR B 241 4.19 28.06 17.36
CA THR B 241 5.63 28.17 17.52
C THR B 241 6.02 29.28 18.48
N THR B 242 5.22 30.34 18.60
CA THR B 242 5.58 31.48 19.43
C THR B 242 5.11 31.35 20.86
N ILE B 243 4.13 30.48 21.13
CA ILE B 243 3.53 30.32 22.45
C ILE B 243 4.59 30.02 23.51
N ASN B 244 4.35 30.47 24.73
CA ASN B 244 5.09 30.07 25.91
C ASN B 244 4.16 29.38 26.89
N PRO B 245 4.68 28.54 27.80
CA PRO B 245 6.10 28.22 28.01
C PRO B 245 6.67 27.25 26.99
N ILE B 246 7.95 26.96 27.17
CA ILE B 246 8.71 26.18 26.20
C ILE B 246 8.04 24.83 25.93
N ASN B 247 7.43 24.22 26.95
CA ASN B 247 6.87 22.88 26.80
C ASN B 247 5.55 22.85 26.05
N SER B 248 5.00 24.01 25.69
CA SER B 248 3.74 24.13 24.96
C SER B 248 3.93 24.46 23.49
N LYS B 249 5.16 24.59 23.01
CA LYS B 249 5.39 24.94 21.61
C LYS B 249 5.17 23.73 20.73
N ALA B 250 4.80 23.99 19.48
CA ALA B 250 4.70 22.97 18.45
C ALA B 250 5.81 23.21 17.44
N HIS B 251 6.95 22.55 17.65
CA HIS B 251 8.10 22.72 16.76
C HIS B 251 7.83 22.10 15.39
N GLY B 252 8.21 22.84 14.34
CA GLY B 252 7.99 22.39 12.99
C GLY B 252 6.63 22.75 12.42
N PHE B 253 5.85 23.55 13.14
CA PHE B 253 4.54 23.94 12.63
C PHE B 253 4.72 24.71 11.34
N PRO B 254 4.05 24.31 10.25
CA PRO B 254 4.22 25.02 8.97
C PRO B 254 3.49 26.35 8.99
N CYS B 255 4.17 27.42 9.41
CA CYS B 255 3.58 28.75 9.42
C CYS B 255 2.99 29.07 8.05
N GLY B 256 1.86 29.76 8.05
CA GLY B 256 1.16 30.13 6.83
C GLY B 256 0.51 29.00 6.07
N THR B 257 0.55 27.75 6.54
CA THR B 257 -0.12 26.67 5.83
C THR B 257 -1.61 26.98 5.68
N PRO B 258 -2.22 26.67 4.53
CA PRO B 258 -3.57 27.20 4.27
C PRO B 258 -4.63 26.68 5.22
N LEU B 259 -4.62 25.40 5.58
CA LEU B 259 -5.64 24.91 6.49
C LEU B 259 -5.66 25.68 7.80
N HIS B 260 -4.58 26.34 8.19
CA HIS B 260 -4.54 26.98 9.49
C HIS B 260 -4.92 28.45 9.44
N ALA B 261 -5.15 29.00 8.25
CA ALA B 261 -5.42 30.43 8.14
C ALA B 261 -6.79 30.79 8.70
N ASP B 262 -6.85 31.94 9.36
CA ASP B 262 -8.10 32.49 9.88
C ASP B 262 -8.73 31.60 10.94
N LYS B 263 -7.91 30.78 11.62
CA LYS B 263 -8.39 29.86 12.63
C LYS B 263 -7.54 29.99 13.88
N VAL B 264 -8.18 29.90 15.05
CA VAL B 264 -7.47 29.84 16.33
C VAL B 264 -8.04 28.67 17.12
N VAL B 265 -7.19 27.73 17.52
CA VAL B 265 -7.61 26.59 18.34
C VAL B 265 -7.33 26.91 19.80
N VAL B 266 -8.37 27.06 20.59
CA VAL B 266 -8.22 27.38 22.00
C VAL B 266 -8.18 26.09 22.80
N LEU B 267 -7.26 26.01 23.76
CA LEU B 267 -7.20 24.90 24.70
C LEU B 267 -7.57 25.39 26.09
N THR B 268 -8.33 24.58 26.82
CA THR B 268 -8.54 24.77 28.25
C THR B 268 -8.91 23.42 28.84
N HIS B 269 -9.15 23.39 30.15
CA HIS B 269 -9.40 22.15 30.86
C HIS B 269 -10.62 22.34 31.74
N GLU B 270 -11.64 21.49 31.57
CA GLU B 270 -12.85 21.67 32.37
C GLU B 270 -12.56 21.62 33.86
N PHE B 271 -11.43 21.02 34.28
CA PHE B 271 -11.14 20.96 35.71
C PHE B 271 -10.72 22.30 36.29
N LEU B 272 -10.37 23.28 35.45
CA LEU B 272 -10.16 24.65 35.91
C LEU B 272 -11.46 25.43 36.10
N TYR B 273 -12.61 24.81 35.91
CA TYR B 273 -13.90 25.47 36.09
C TYR B 273 -14.66 24.90 37.28
N GLU B 274 -13.92 24.42 38.27
CA GLU B 274 -14.45 23.76 39.45
C GLU B 274 -13.89 24.40 40.71
N ASP B 275 -14.74 24.59 41.71
CA ASP B 275 -14.33 25.09 43.01
C ASP B 275 -13.81 23.92 43.83
N GLY B 276 -12.51 23.91 44.12
CA GLY B 276 -11.92 22.77 44.81
C GLY B 276 -10.40 22.79 44.91
N LYS B 277 -9.78 21.62 44.81
CA LYS B 277 -8.36 21.48 45.14
C LYS B 277 -7.45 22.34 44.25
N ARG B 278 -7.98 22.94 43.18
CA ARG B 278 -7.21 23.82 42.31
C ARG B 278 -7.54 25.30 42.46
N GLY B 279 -8.65 25.65 43.09
CA GLY B 279 -9.02 27.03 43.30
C GLY B 279 -10.51 27.23 43.18
N MET B 280 -10.91 28.50 43.13
CA MET B 280 -12.30 28.90 42.91
C MET B 280 -12.61 28.92 41.41
N GLY B 281 -12.50 27.75 40.79
CA GLY B 281 -12.67 27.64 39.34
C GLY B 281 -14.08 27.95 38.88
N ALA B 282 -15.06 27.40 39.56
CA ALA B 282 -16.45 27.61 39.13
C ALA B 282 -16.87 29.06 39.33
N THR B 283 -16.32 29.72 40.34
CA THR B 283 -16.78 31.07 40.69
C THR B 283 -16.13 32.12 39.82
N GLN B 284 -14.85 31.95 39.54
CA GLN B 284 -14.12 32.99 38.77
C GLN B 284 -14.03 32.65 37.27
N ASN B 285 -13.81 31.39 36.93
CA ASN B 285 -13.58 31.04 35.50
C ASN B 285 -14.88 30.85 34.72
N LEU B 286 -15.95 30.31 35.31
CA LEU B 286 -17.17 30.11 34.52
C LEU B 286 -17.75 31.42 33.98
N PRO B 287 -17.73 32.55 34.72
CA PRO B 287 -18.18 33.81 34.10
C PRO B 287 -17.25 34.31 33.03
N LYS B 288 -15.94 34.06 33.16
CA LYS B 288 -14.99 34.46 32.11
C LYS B 288 -15.31 33.77 30.80
N LEU B 289 -15.65 32.48 30.85
CA LEU B 289 -16.03 31.74 29.65
C LEU B 289 -17.30 32.32 29.03
N ALA B 290 -18.34 32.50 29.85
CA ALA B 290 -19.59 33.06 29.35
C ALA B 290 -19.37 34.38 28.62
N LYS B 291 -18.57 35.28 29.21
CA LYS B 291 -18.32 36.57 28.58
C LYS B 291 -17.49 36.43 27.31
N PHE B 292 -16.56 35.48 27.29
CA PHE B 292 -15.71 35.32 26.12
C PHE B 292 -16.53 34.94 24.88
N LEU B 293 -17.53 34.07 25.06
CA LEU B 293 -18.42 33.72 23.96
C LEU B 293 -19.12 34.95 23.40
N ARG B 294 -19.56 35.85 24.28
CA ARG B 294 -20.29 37.01 23.81
C ARG B 294 -19.36 37.97 23.07
N ILE B 295 -18.27 38.38 23.71
CA ILE B 295 -17.42 39.43 23.12
C ILE B 295 -16.72 38.92 21.86
N ALA B 296 -16.43 37.63 21.78
CA ALA B 296 -15.79 37.11 20.57
C ALA B 296 -16.75 37.14 19.39
N LYS B 297 -18.02 36.80 19.60
CA LYS B 297 -18.99 36.90 18.51
C LYS B 297 -19.20 38.35 18.12
N GLU B 298 -19.20 39.25 19.11
CA GLU B 298 -19.30 40.69 18.83
C GLU B 298 -18.12 41.16 17.98
N ALA B 299 -16.93 40.63 18.23
CA ALA B 299 -15.76 40.99 17.44
C ALA B 299 -15.81 40.42 16.02
N GLY B 300 -16.73 39.51 15.73
CA GLY B 300 -16.83 38.92 14.41
C GLY B 300 -16.29 37.50 14.27
N TYR B 301 -15.95 36.85 15.37
CA TYR B 301 -15.52 35.47 15.35
C TYR B 301 -16.74 34.54 15.33
N VAL B 302 -16.59 33.40 14.64
CA VAL B 302 -17.57 32.33 14.76
C VAL B 302 -16.88 31.12 15.39
N PHE B 303 -17.70 30.25 15.98
CA PHE B 303 -17.22 29.07 16.71
C PHE B 303 -17.54 27.80 15.94
N ASP B 304 -16.58 26.88 15.91
CA ASP B 304 -16.76 25.62 15.21
C ASP B 304 -16.07 24.51 15.98
N THR B 305 -16.30 23.29 15.54
CA THR B 305 -15.75 22.11 16.17
C THR B 305 -14.65 21.51 15.29
N ILE B 306 -13.76 20.74 15.92
CA ILE B 306 -12.52 20.32 15.25
C ILE B 306 -12.81 19.46 14.03
N ASP B 307 -13.95 18.75 14.02
CA ASP B 307 -14.26 17.89 12.87
C ASP B 307 -14.46 18.70 11.59
N ASN B 308 -14.63 20.01 11.70
CA ASN B 308 -14.73 20.86 10.52
C ASN B 308 -13.47 21.67 10.28
N TYR B 309 -12.41 21.42 11.06
CA TYR B 309 -11.18 22.17 10.89
C TYR B 309 -10.58 21.93 9.51
N THR B 310 -10.55 20.67 9.06
CA THR B 310 -10.47 20.39 7.64
C THR B 310 -11.88 20.29 7.08
N PRO B 311 -12.25 21.12 6.11
CA PRO B 311 -13.64 21.12 5.63
C PRO B 311 -14.05 19.76 5.07
N VAL B 312 -15.32 19.41 5.32
CA VAL B 312 -15.93 18.21 4.79
C VAL B 312 -16.28 18.42 3.32
N TRP B 313 -15.92 17.45 2.48
CA TRP B 313 -16.32 17.48 1.09
C TRP B 313 -17.83 17.53 0.96
N GLN B 314 -18.33 18.43 0.11
CA GLN B 314 -19.76 18.60 -0.10
C GLN B 314 -20.09 18.73 -1.59
N VAL B 315 -21.12 17.98 -2.00
CA VAL B 315 -21.62 18.01 -3.37
C VAL B 315 -21.96 19.44 -3.77
N GLY B 316 -21.49 19.86 -4.95
CA GLY B 316 -21.79 21.16 -5.48
C GLY B 316 -20.86 22.28 -5.07
N ASN B 317 -19.90 22.03 -4.18
CA ASN B 317 -18.96 23.08 -3.83
C ASN B 317 -17.92 23.26 -4.93
N ALA B 318 -17.40 24.47 -5.02
CA ALA B 318 -16.36 24.81 -5.99
C ALA B 318 -15.02 24.60 -5.33
N TYR B 319 -14.24 23.67 -5.86
CA TYR B 319 -12.95 23.37 -5.26
C TYR B 319 -11.85 23.88 -6.18
N ALA B 320 -11.05 24.80 -5.65
CA ALA B 320 -9.80 25.18 -6.30
C ALA B 320 -8.80 24.03 -6.22
N ALA B 321 -7.81 24.07 -7.09
CA ALA B 321 -6.71 23.12 -7.00
C ALA B 321 -5.92 23.38 -5.73
N GLY B 322 -5.43 22.30 -5.13
CA GLY B 322 -4.71 22.41 -3.87
C GLY B 322 -5.58 22.55 -2.64
N ASP B 323 -6.90 22.62 -2.78
CA ASP B 323 -7.78 22.65 -1.62
C ASP B 323 -7.78 21.29 -0.90
N TYR B 324 -7.88 21.33 0.42
CA TYR B 324 -7.98 20.13 1.25
C TYR B 324 -9.40 19.92 1.76
N VAL B 325 -9.80 18.65 1.79
CA VAL B 325 -11.06 18.24 2.41
C VAL B 325 -10.81 16.93 3.14
N THR B 326 -11.77 16.58 4.00
CA THR B 326 -11.93 15.19 4.44
C THR B 326 -13.16 14.62 3.74
N HIS B 327 -13.06 13.34 3.38
CA HIS B 327 -14.18 12.61 2.82
C HIS B 327 -14.18 11.23 3.45
N SER B 328 -15.23 10.91 4.20
CA SER B 328 -15.29 9.69 5.02
C SER B 328 -14.02 9.53 5.85
N GLY B 329 -13.64 10.60 6.55
CA GLY B 329 -12.52 10.55 7.46
C GLY B 329 -11.14 10.50 6.85
N THR B 330 -11.00 10.62 5.53
CA THR B 330 -9.71 10.62 4.85
C THR B 330 -9.40 12.00 4.28
N VAL B 331 -8.17 12.45 4.45
CA VAL B 331 -7.79 13.77 3.95
C VAL B 331 -7.46 13.69 2.47
N TYR B 332 -8.01 14.63 1.68
CA TYR B 332 -7.73 14.68 0.25
C TYR B 332 -7.34 16.10 -0.14
N LYS B 333 -6.62 16.18 -1.27
CA LYS B 333 -6.15 17.44 -1.82
C LYS B 333 -6.56 17.52 -3.28
N ALA B 334 -7.22 18.62 -3.66
CA ALA B 334 -7.78 18.76 -5.00
C ALA B 334 -6.68 18.89 -6.05
N VAL B 335 -6.71 18.00 -7.03
CA VAL B 335 -5.75 18.02 -8.13
C VAL B 335 -6.11 19.14 -9.10
N THR B 336 -7.09 18.88 -9.97
CA THR B 336 -7.59 19.83 -10.95
C THR B 336 -8.85 20.48 -10.39
N ALA B 337 -8.85 21.82 -10.31
CA ALA B 337 -9.99 22.56 -9.76
C ALA B 337 -11.28 22.26 -10.53
N HIS B 338 -12.40 22.18 -9.81
CA HIS B 338 -13.65 21.66 -10.35
C HIS B 338 -14.79 22.00 -9.39
N ILE B 339 -16.00 21.61 -9.78
CA ILE B 339 -17.18 21.66 -8.93
C ILE B 339 -17.60 20.22 -8.64
N ALA B 340 -17.87 19.95 -7.36
CA ALA B 340 -18.09 18.57 -6.93
C ALA B 340 -19.46 18.06 -7.37
N GLN B 341 -19.46 16.91 -8.05
CA GLN B 341 -20.65 16.15 -8.42
C GLN B 341 -20.85 15.00 -7.43
N GLN B 342 -22.10 14.59 -7.27
CA GLN B 342 -22.40 13.57 -6.27
C GLN B 342 -21.73 12.24 -6.60
N ASP B 343 -21.51 11.97 -7.88
CA ASP B 343 -20.90 10.72 -8.31
C ASP B 343 -19.39 10.80 -8.45
N TRP B 344 -18.81 11.98 -8.27
CA TRP B 344 -17.36 12.16 -8.38
C TRP B 344 -16.73 12.47 -7.02
N ALA B 345 -16.95 11.60 -6.03
CA ALA B 345 -16.40 11.84 -4.70
C ALA B 345 -14.91 11.49 -4.67
N PRO B 346 -14.15 12.03 -3.72
CA PRO B 346 -12.75 11.60 -3.57
C PRO B 346 -12.70 10.11 -3.27
N SER B 347 -11.62 9.47 -3.70
CA SER B 347 -11.47 8.04 -3.48
C SER B 347 -10.03 7.65 -3.82
N SER B 348 -9.71 6.38 -3.61
CA SER B 348 -8.36 5.90 -3.90
C SER B 348 -8.06 5.81 -5.39
N THR B 349 -9.05 5.94 -6.28
CA THR B 349 -8.81 5.93 -7.72
C THR B 349 -9.11 7.25 -8.41
N SER B 350 -9.56 8.27 -7.68
CA SER B 350 -10.04 9.50 -8.30
C SER B 350 -8.92 10.33 -8.89
N SER B 351 -9.18 10.90 -10.07
CA SER B 351 -8.24 11.78 -10.76
C SER B 351 -8.33 13.22 -10.26
N LEU B 352 -9.40 13.57 -9.56
CA LEU B 352 -9.60 14.92 -9.10
C LEU B 352 -9.00 15.17 -7.72
N TRP B 353 -8.60 14.11 -7.02
CA TRP B 353 -8.06 14.21 -5.68
C TRP B 353 -6.88 13.26 -5.53
N THR B 354 -5.95 13.62 -4.65
CA THR B 354 -5.00 12.66 -4.09
C THR B 354 -5.22 12.57 -2.59
N ASN B 355 -4.93 11.40 -2.05
CA ASN B 355 -4.96 11.18 -0.60
C ASN B 355 -3.82 11.98 0.04
N ALA B 356 -4.15 12.73 1.07
CA ALA B 356 -3.18 13.55 1.77
C ALA B 356 -3.26 13.32 3.26
N ASP B 357 -3.54 12.07 3.65
CA ASP B 357 -3.54 11.72 5.06
C ASP B 357 -2.14 11.94 5.65
N PRO B 358 -2.06 12.31 6.93
CA PRO B 358 -0.75 12.42 7.58
C PRO B 358 -0.11 11.08 7.93
N ALA B 359 -0.68 9.97 7.49
CA ALA B 359 -0.09 8.66 7.76
C ALA B 359 1.22 8.46 7.00
N THR B 360 1.99 7.46 7.43
CA THR B 360 3.25 7.13 6.77
C THR B 360 3.32 5.71 6.25
N ASN B 361 2.34 4.86 6.54
CA ASN B 361 2.22 3.63 5.78
C ASN B 361 2.04 3.96 4.30
N TRP B 362 2.59 3.12 3.45
CA TRP B 362 2.35 3.26 2.02
C TRP B 362 0.87 3.21 1.73
N THR B 363 0.36 4.23 1.05
CA THR B 363 -1.06 4.47 0.88
C THR B 363 -1.38 4.73 -0.59
N LEU B 364 -2.55 4.27 -1.03
CA LEU B 364 -2.98 4.45 -2.42
C LEU B 364 -3.22 5.92 -2.74
N ASN B 365 -2.82 6.32 -3.95
CA ASN B 365 -3.21 7.60 -4.56
C ASN B 365 -2.63 8.79 -3.77
N VAL B 366 -1.39 8.65 -3.30
CA VAL B 366 -0.67 9.71 -2.60
C VAL B 366 0.35 10.31 -3.56
N SER B 367 0.46 11.62 -3.56
CA SER B 367 1.53 12.30 -4.28
C SER B 367 2.82 12.22 -3.46
N TYR B 368 3.61 11.16 -3.68
CA TYR B 368 4.87 11.00 -2.94
C TYR B 368 5.98 11.86 -3.53
N GLU B 369 6.89 12.30 -2.67
CA GLU B 369 8.06 13.08 -3.07
C GLU B 369 9.33 12.32 -2.70
N ALA B 370 10.38 12.56 -3.47
CA ALA B 370 11.69 12.02 -3.15
C ALA B 370 12.06 12.39 -1.73
N GLY B 371 12.55 11.41 -0.98
CA GLY B 371 12.86 11.62 0.41
C GLY B 371 11.77 11.18 1.38
N ASP B 372 10.55 10.96 0.90
CA ASP B 372 9.50 10.38 1.75
C ASP B 372 9.85 8.95 2.13
N VAL B 373 9.42 8.54 3.32
CA VAL B 373 9.62 7.18 3.80
C VAL B 373 8.25 6.53 3.99
N VAL B 374 8.09 5.31 3.47
CA VAL B 374 6.83 4.60 3.59
C VAL B 374 7.10 3.27 4.27
N THR B 375 6.08 2.75 4.95
CA THR B 375 6.12 1.44 5.57
C THR B 375 5.12 0.54 4.86
N TYR B 376 5.56 -0.66 4.51
CA TYR B 376 4.70 -1.57 3.77
C TYR B 376 5.14 -2.98 4.11
N GLN B 377 4.20 -3.80 4.59
CA GLN B 377 4.47 -5.19 4.95
C GLN B 377 5.65 -5.28 5.92
N GLY B 378 5.69 -4.37 6.90
CA GLY B 378 6.71 -4.42 7.92
C GLY B 378 8.06 -3.88 7.51
N LEU B 379 8.22 -3.38 6.29
CA LEU B 379 9.50 -2.84 5.83
C LEU B 379 9.35 -1.36 5.52
N ARG B 380 10.47 -0.65 5.63
CA ARG B 380 10.53 0.76 5.34
C ARG B 380 11.22 0.95 3.99
N TYR B 381 10.71 1.92 3.22
CA TYR B 381 11.23 2.20 1.90
C TYR B 381 11.39 3.71 1.75
N LEU B 382 12.40 4.08 0.99
CA LEU B 382 12.63 5.48 0.64
C LEU B 382 12.09 5.72 -0.76
N VAL B 383 11.44 6.86 -0.95
CA VAL B 383 10.89 7.21 -2.26
C VAL B 383 12.00 7.83 -3.11
N ASN B 384 12.30 7.21 -4.24
CA ASN B 384 13.38 7.72 -5.08
C ASN B 384 12.88 8.83 -5.99
N VAL B 385 11.73 8.65 -6.63
CA VAL B 385 11.27 9.66 -7.58
C VAL B 385 9.83 10.04 -7.27
N PRO B 386 9.46 11.32 -7.44
CA PRO B 386 8.08 11.71 -7.17
C PRO B 386 7.12 10.99 -8.09
N HIS B 387 5.99 10.58 -7.54
CA HIS B 387 4.98 9.85 -8.30
C HIS B 387 3.71 9.84 -7.48
N VAL B 388 2.61 9.43 -8.12
CA VAL B 388 1.34 9.20 -7.44
C VAL B 388 1.18 7.69 -7.31
N SER B 389 1.08 7.22 -6.07
CA SER B 389 0.98 5.77 -5.86
C SER B 389 -0.30 5.21 -6.49
N GLN B 390 -0.21 3.96 -6.92
CA GLN B 390 -1.36 3.21 -7.40
C GLN B 390 -1.20 1.76 -6.99
N ALA B 391 -2.26 0.98 -7.25
CA ALA B 391 -2.40 -0.33 -6.59
C ALA B 391 -1.27 -1.27 -6.96
N ASP B 392 -0.82 -1.25 -8.21
CA ASP B 392 0.22 -2.18 -8.64
C ASP B 392 1.62 -1.66 -8.37
N TRP B 393 1.77 -0.44 -7.85
CA TRP B 393 3.08 0.15 -7.59
C TRP B 393 3.50 -0.01 -6.13
N THR B 394 3.29 -1.18 -5.54
CA THR B 394 3.62 -1.37 -4.13
C THR B 394 5.14 -1.36 -3.91
N PRO B 395 5.61 -0.78 -2.81
CA PRO B 395 7.06 -0.57 -2.64
C PRO B 395 7.90 -1.82 -2.87
N ASN B 396 7.42 -2.99 -2.44
CA ASN B 396 8.20 -4.21 -2.56
C ASN B 396 8.26 -4.75 -3.99
N THR B 397 7.58 -4.14 -4.96
CA THR B 397 7.70 -4.55 -6.35
C THR B 397 8.26 -3.47 -7.27
N GLN B 398 8.61 -2.29 -6.74
CA GLN B 398 9.06 -1.17 -7.57
C GLN B 398 10.42 -0.66 -7.08
N ASN B 399 11.50 -1.33 -7.52
CA ASN B 399 12.86 -0.90 -7.14
C ASN B 399 13.18 0.49 -7.63
N THR B 400 12.63 0.92 -8.76
CA THR B 400 12.90 2.29 -9.18
C THR B 400 12.25 3.29 -8.25
N LEU B 401 10.98 3.09 -7.94
CA LEU B 401 10.24 4.08 -7.16
C LEU B 401 10.69 4.10 -5.72
N PHE B 402 11.04 2.94 -5.16
CA PHE B 402 11.35 2.79 -3.74
C PHE B 402 12.63 2.01 -3.52
N THR B 403 13.43 2.46 -2.55
CA THR B 403 14.64 1.77 -2.11
C THR B 403 14.43 1.26 -0.70
N ALA B 404 14.54 -0.05 -0.51
CA ALA B 404 14.34 -0.64 0.81
C ALA B 404 15.38 -0.13 1.79
N LEU B 405 14.97 0.04 3.05
CA LEU B 405 15.89 0.42 4.10
C LEU B 405 16.04 -0.71 5.13
N ALA C 3 20.92 -21.53 -10.47
CA ALA C 3 21.54 -21.99 -11.71
C ALA C 3 20.54 -21.99 -12.89
N PRO C 4 20.18 -20.80 -13.38
CA PRO C 4 19.21 -20.74 -14.48
C PRO C 4 19.81 -21.21 -15.79
N LYS C 5 18.93 -21.69 -16.67
CA LYS C 5 19.34 -22.10 -18.01
C LYS C 5 20.08 -21.00 -18.75
N GLY C 6 19.98 -19.76 -18.29
CA GLY C 6 20.54 -18.62 -18.98
C GLY C 6 19.71 -17.38 -18.73
N THR C 7 20.11 -16.29 -19.37
CA THR C 7 19.47 -15.00 -19.15
C THR C 7 19.03 -14.37 -20.46
N ILE C 8 17.76 -13.94 -20.50
CA ILE C 8 17.16 -13.32 -21.68
C ILE C 8 17.10 -11.81 -21.47
N TYR C 9 17.57 -11.06 -22.46
CA TYR C 9 17.44 -9.60 -22.47
C TYR C 9 16.42 -9.27 -23.54
N LEU C 10 15.22 -8.95 -23.11
CA LEU C 10 14.13 -8.63 -23.99
C LEU C 10 14.19 -7.14 -24.29
N THR C 11 14.34 -6.79 -25.57
CA THR C 11 14.59 -5.41 -25.95
C THR C 11 13.59 -5.00 -27.02
N PHE C 12 13.17 -3.73 -26.95
CA PHE C 12 12.12 -3.20 -27.82
C PHE C 12 12.64 -1.93 -28.52
N ASP C 13 12.50 -1.88 -29.83
CA ASP C 13 12.98 -0.74 -30.60
C ASP C 13 11.83 0.11 -31.12
N ASP C 14 12.08 1.43 -31.16
CA ASP C 14 11.40 2.42 -31.99
C ASP C 14 10.22 3.07 -31.29
N GLY C 15 10.02 2.78 -30.00
CA GLY C 15 9.13 3.58 -29.19
C GLY C 15 9.76 4.93 -28.91
N PRO C 16 9.13 5.73 -28.04
CA PRO C 16 7.90 5.39 -27.32
C PRO C 16 6.67 5.71 -28.16
N ILE C 17 5.75 4.77 -28.30
CA ILE C 17 4.53 4.98 -29.05
C ILE C 17 3.38 4.42 -28.21
N ASN C 18 2.15 4.69 -28.64
CA ASN C 18 0.99 4.29 -27.86
C ASN C 18 1.05 2.81 -27.54
N ALA C 19 1.36 1.98 -28.54
CA ALA C 19 1.51 0.54 -28.35
C ALA C 19 2.51 0.17 -27.26
N SER C 20 3.51 1.02 -26.98
CA SER C 20 4.46 0.68 -25.93
C SER C 20 3.77 0.45 -24.59
N ILE C 21 2.63 1.12 -24.38
CA ILE C 21 1.95 1.08 -23.09
C ILE C 21 1.39 -0.31 -22.80
N ASP C 22 0.73 -0.93 -23.79
CA ASP C 22 0.22 -2.28 -23.60
C ASP C 22 1.33 -3.30 -23.49
N VAL C 23 2.45 -3.09 -24.17
CA VAL C 23 3.60 -3.97 -24.00
C VAL C 23 4.14 -3.87 -22.58
N ILE C 24 4.31 -2.65 -22.07
CA ILE C 24 4.86 -2.47 -20.72
C ILE C 24 3.91 -3.04 -19.69
N ASN C 25 2.61 -2.87 -19.89
CA ASN C 25 1.62 -3.49 -18.99
C ASN C 25 1.77 -5.01 -18.98
N VAL C 26 1.98 -5.64 -20.14
CA VAL C 26 2.14 -7.09 -20.15
C VAL C 26 3.43 -7.49 -19.42
N LEU C 27 4.53 -6.77 -19.67
CA LEU C 27 5.76 -7.10 -18.96
C LEU C 27 5.60 -6.88 -17.46
N ASN C 28 4.86 -5.83 -17.07
CA ASN C 28 4.78 -5.49 -15.66
C ASN C 28 3.97 -6.53 -14.88
N GLU C 29 2.90 -7.06 -15.47
CA GLU C 29 2.11 -7.99 -14.69
C GLU C 29 2.73 -9.38 -14.63
N GLN C 30 3.95 -9.55 -15.15
CA GLN C 30 4.75 -10.72 -14.82
C GLN C 30 6.09 -10.36 -14.18
N GLY C 31 6.27 -9.11 -13.78
CA GLY C 31 7.50 -8.72 -13.10
C GLY C 31 8.72 -8.62 -13.98
N VAL C 32 8.55 -8.70 -15.30
CA VAL C 32 9.65 -8.70 -16.24
C VAL C 32 9.99 -7.27 -16.65
N LYS C 33 11.27 -6.93 -16.60
CA LYS C 33 11.76 -5.63 -17.02
C LYS C 33 12.39 -5.73 -18.41
N GLY C 34 12.08 -4.77 -19.28
CA GLY C 34 12.59 -4.73 -20.62
C GLY C 34 13.56 -3.57 -20.81
N THR C 35 14.30 -3.65 -21.91
CA THR C 35 15.18 -2.55 -22.30
C THR C 35 14.57 -1.92 -23.54
N PHE C 36 14.35 -0.60 -23.49
CA PHE C 36 13.64 0.12 -24.54
C PHE C 36 14.58 1.09 -25.25
N TYR C 37 14.77 0.87 -26.55
CA TYR C 37 15.66 1.68 -27.39
C TYR C 37 14.79 2.72 -28.10
N PHE C 38 14.79 3.95 -27.59
CA PHE C 38 13.76 4.93 -27.92
C PHE C 38 14.26 5.93 -28.96
N ASN C 39 13.32 6.49 -29.72
CA ASN C 39 13.53 7.58 -30.68
C ASN C 39 12.62 8.73 -30.27
N ALA C 40 13.20 9.86 -29.85
CA ALA C 40 12.41 10.96 -29.32
C ALA C 40 11.55 11.66 -30.37
N TRP C 41 11.73 11.41 -31.67
CA TRP C 41 10.86 12.09 -32.61
C TRP C 41 9.39 11.68 -32.42
N HIS C 42 9.13 10.52 -31.80
CA HIS C 42 7.77 10.16 -31.47
C HIS C 42 7.16 11.07 -30.39
N LEU C 43 7.95 11.53 -29.42
CA LEU C 43 7.46 12.55 -28.49
C LEU C 43 7.02 13.81 -29.23
N ASP C 44 7.80 14.23 -30.25
CA ASP C 44 7.44 15.38 -31.07
C ASP C 44 6.28 15.11 -32.02
N GLY C 45 5.77 13.88 -32.09
CA GLY C 45 4.58 13.64 -32.88
C GLY C 45 4.81 13.69 -34.37
N ILE C 46 6.02 13.39 -34.85
CA ILE C 46 6.34 13.49 -36.25
C ILE C 46 6.88 12.18 -36.81
N GLY C 47 6.75 11.08 -36.06
CA GLY C 47 7.30 9.80 -36.46
C GLY C 47 6.32 8.88 -37.15
N ASP C 48 5.12 9.35 -37.46
CA ASP C 48 4.15 8.65 -38.30
C ASP C 48 3.69 7.34 -37.68
N GLU C 49 3.53 7.35 -36.35
CA GLU C 49 2.88 6.27 -35.63
C GLU C 49 1.79 6.86 -34.75
N ASN C 50 0.95 6.00 -34.16
CA ASN C 50 0.11 6.42 -33.03
C ASN C 50 1.04 6.77 -31.88
N GLU C 51 1.26 8.07 -31.67
CA GLU C 51 2.25 8.49 -30.69
C GLU C 51 1.78 9.66 -29.83
N ASP C 52 0.47 9.95 -29.81
CA ASP C 52 0.04 11.00 -28.91
C ASP C 52 0.28 10.66 -27.44
N ARG C 53 0.36 9.38 -27.08
CA ARG C 53 0.64 8.96 -25.70
C ARG C 53 2.11 8.64 -25.49
N ALA C 54 2.97 9.12 -26.40
CA ALA C 54 4.41 8.85 -26.32
C ALA C 54 4.98 9.24 -24.95
N LEU C 55 4.71 10.46 -24.48
CA LEU C 55 5.25 10.87 -23.18
C LEU C 55 4.74 9.96 -22.06
N GLU C 56 3.46 9.60 -22.12
CA GLU C 56 2.92 8.69 -21.11
C GLU C 56 3.66 7.35 -21.15
N ALA C 57 4.03 6.87 -22.34
CA ALA C 57 4.76 5.60 -22.44
C ALA C 57 6.17 5.75 -21.85
N LEU C 58 6.90 6.79 -22.26
CA LEU C 58 8.21 7.05 -21.67
C LEU C 58 8.14 7.11 -20.15
N LYS C 59 7.14 7.78 -19.61
CA LYS C 59 7.04 7.94 -18.16
C LYS C 59 6.66 6.62 -17.49
N LEU C 60 5.72 5.89 -18.10
CA LEU C 60 5.37 4.56 -17.58
C LEU C 60 6.57 3.63 -17.61
N ALA C 61 7.37 3.67 -18.68
CA ALA C 61 8.54 2.80 -18.76
C ALA C 61 9.49 3.10 -17.62
N LEU C 62 9.75 4.37 -17.37
CA LEU C 62 10.69 4.74 -16.32
C LEU C 62 10.11 4.45 -14.93
N ASP C 63 8.82 4.69 -14.74
CA ASP C 63 8.26 4.57 -13.40
C ASP C 63 8.25 3.12 -12.94
N THR C 64 7.99 2.19 -13.87
CA THR C 64 7.92 0.78 -13.52
C THR C 64 9.24 0.03 -13.73
N GLY C 65 10.35 0.77 -13.89
CA GLY C 65 11.68 0.20 -13.80
C GLY C 65 12.26 -0.40 -15.07
N HIS C 66 11.70 -0.11 -16.24
CA HIS C 66 12.32 -0.58 -17.47
C HIS C 66 13.47 0.35 -17.87
N VAL C 67 14.46 -0.21 -18.57
CA VAL C 67 15.67 0.54 -18.88
C VAL C 67 15.47 1.27 -20.21
N VAL C 68 15.78 2.57 -20.22
CA VAL C 68 15.62 3.40 -21.40
C VAL C 68 17.00 3.67 -21.99
N ALA C 69 17.15 3.35 -23.28
CA ALA C 69 18.42 3.46 -24.00
C ALA C 69 18.21 4.26 -25.29
N ASN C 70 19.33 4.58 -25.94
CA ASN C 70 19.43 5.59 -27.00
C ASN C 70 19.40 4.94 -28.37
N HIS C 71 18.36 5.20 -29.16
CA HIS C 71 18.23 4.63 -30.50
C HIS C 71 18.29 5.68 -31.62
N SER C 72 18.67 6.92 -31.28
CA SER C 72 18.79 8.12 -32.12
C SER C 72 17.47 8.90 -32.20
N TYR C 73 17.57 10.18 -32.55
CA TYR C 73 16.41 11.06 -32.50
C TYR C 73 15.28 10.60 -33.42
N ALA C 74 15.60 10.40 -34.70
CA ALA C 74 14.58 10.17 -35.71
C ALA C 74 14.92 8.95 -36.58
N HIS C 75 15.66 8.00 -36.03
CA HIS C 75 15.89 6.72 -36.69
C HIS C 75 16.60 6.91 -38.04
N MET C 76 17.51 7.90 -38.13
CA MET C 76 18.25 8.20 -39.35
C MET C 76 17.34 8.55 -40.52
N VAL C 77 16.14 9.07 -40.24
CA VAL C 77 15.21 9.33 -41.34
C VAL C 77 15.63 10.51 -42.20
N HIS C 78 16.45 11.42 -41.67
CA HIS C 78 16.95 12.52 -42.50
C HIS C 78 17.76 12.02 -43.69
N ASN C 79 18.30 10.81 -43.60
CA ASN C 79 19.08 10.24 -44.69
C ASN C 79 18.22 9.55 -45.72
N CYS C 80 16.91 9.48 -45.50
CA CYS C 80 15.95 8.87 -46.42
C CYS C 80 15.18 9.92 -47.21
N VAL C 81 15.34 11.20 -46.89
CA VAL C 81 14.63 12.28 -47.57
C VAL C 81 15.59 13.42 -47.88
N ASP C 82 15.17 14.30 -48.80
CA ASP C 82 15.97 15.46 -49.19
C ASP C 82 16.09 16.47 -48.07
N GLU C 83 14.97 16.88 -47.49
CA GLU C 83 14.94 17.81 -46.36
C GLU C 83 14.14 17.19 -45.24
N PHE C 84 14.75 17.01 -44.08
CA PHE C 84 14.03 16.49 -42.93
C PHE C 84 13.06 17.52 -42.38
N GLY C 85 11.83 17.10 -42.13
CA GLY C 85 10.82 17.96 -41.53
C GLY C 85 9.72 17.11 -40.94
N PRO C 86 8.63 17.74 -40.49
CA PRO C 86 7.58 16.98 -39.80
C PRO C 86 6.93 15.88 -40.64
N THR C 87 7.01 15.92 -41.97
CA THR C 87 6.40 14.86 -42.77
C THR C 87 7.36 13.78 -43.19
N SER C 88 8.64 13.87 -42.79
CA SER C 88 9.65 12.97 -43.31
C SER C 88 9.35 11.52 -42.96
N GLY C 89 8.83 11.27 -41.75
CA GLY C 89 8.44 9.92 -41.39
C GLY C 89 7.42 9.33 -42.35
N ALA C 90 6.34 10.07 -42.60
CA ALA C 90 5.34 9.60 -43.56
C ALA C 90 5.94 9.36 -44.94
N GLU C 91 6.79 10.28 -45.42
CA GLU C 91 7.35 10.14 -46.76
C GLU C 91 8.23 8.90 -46.88
N CYS C 92 9.04 8.63 -45.85
CA CYS C 92 9.95 7.49 -45.95
C CYS C 92 9.16 6.19 -45.87
N ASN C 93 8.11 6.16 -45.04
CA ASN C 93 7.22 5.00 -45.03
C ASN C 93 6.54 4.79 -46.39
N ALA C 94 6.21 5.88 -47.09
CA ALA C 94 5.58 5.73 -48.41
C ALA C 94 6.52 5.08 -49.41
N THR C 95 7.83 5.27 -49.30
CA THR C 95 8.76 4.63 -50.23
C THR C 95 9.32 3.31 -49.73
N GLY C 96 9.40 3.11 -48.42
CA GLY C 96 10.06 1.92 -47.91
C GLY C 96 11.57 1.91 -48.00
N ASP C 97 12.20 3.06 -48.29
CA ASP C 97 13.65 3.14 -48.52
C ASP C 97 14.47 3.39 -47.24
N HIS C 98 14.07 2.87 -46.09
CA HIS C 98 14.76 3.20 -44.83
C HIS C 98 16.23 2.78 -44.85
N GLN C 99 16.53 1.60 -45.39
CA GLN C 99 17.88 1.05 -45.36
C GLN C 99 18.78 1.58 -46.48
N ILE C 100 18.28 2.47 -47.33
CA ILE C 100 18.99 2.93 -48.52
C ILE C 100 19.60 4.28 -48.20
N ASN C 101 20.94 4.34 -48.18
CA ASN C 101 21.67 5.53 -47.74
C ASN C 101 21.26 5.94 -46.34
N ALA C 102 21.03 4.96 -45.46
CA ALA C 102 20.55 5.26 -44.11
C ALA C 102 21.61 6.01 -43.29
N TYR C 103 22.89 5.78 -43.57
CA TYR C 103 23.97 6.49 -42.94
C TYR C 103 24.76 7.20 -44.02
N GLN C 104 25.06 8.48 -43.80
CA GLN C 104 25.72 9.30 -44.79
C GLN C 104 26.83 10.09 -44.13
N ASP C 105 26.50 11.18 -43.45
CA ASP C 105 27.52 11.94 -42.73
C ASP C 105 27.64 11.36 -41.32
N PRO C 106 28.68 10.58 -41.04
CA PRO C 106 28.81 9.92 -39.73
C PRO C 106 28.79 10.88 -38.56
N VAL C 107 29.38 12.06 -38.71
CA VAL C 107 29.40 13.02 -37.60
C VAL C 107 27.98 13.50 -37.32
N TYR C 108 27.28 13.94 -38.37
CA TYR C 108 25.91 14.41 -38.17
C TYR C 108 25.04 13.28 -37.65
N ASP C 109 25.14 12.09 -38.27
CA ASP C 109 24.32 10.95 -37.87
C ASP C 109 24.54 10.61 -36.39
N ALA C 110 25.80 10.60 -35.94
CA ALA C 110 26.09 10.37 -34.53
C ALA C 110 25.47 11.47 -33.66
N SER C 111 25.53 12.72 -34.12
CA SER C 111 24.98 13.82 -33.34
C SER C 111 23.49 13.63 -33.05
N THR C 112 22.76 12.90 -33.89
CA THR C 112 21.34 12.68 -33.60
C THR C 112 21.13 11.76 -32.41
N PHE C 113 22.17 11.04 -31.97
CA PHE C 113 22.09 10.33 -30.72
C PHE C 113 22.17 11.30 -29.54
N ALA C 114 23.00 12.34 -29.66
CA ALA C 114 23.09 13.31 -28.58
C ALA C 114 21.82 14.15 -28.51
N ASP C 115 21.28 14.57 -29.67
CA ASP C 115 20.02 15.31 -29.71
C ASP C 115 18.87 14.49 -29.13
N ASN C 116 18.90 13.16 -29.29
CA ASN C 116 17.85 12.32 -28.71
C ASN C 116 17.72 12.59 -27.22
N LEU C 117 18.86 12.76 -26.54
CA LEU C 117 18.89 13.00 -25.11
C LEU C 117 18.39 14.40 -24.79
N VAL C 118 18.83 15.40 -25.55
CA VAL C 118 18.31 16.76 -25.33
C VAL C 118 16.78 16.75 -25.39
N VAL C 119 16.21 16.03 -26.36
CA VAL C 119 14.75 16.03 -26.50
C VAL C 119 14.08 15.29 -25.34
N PHE C 120 14.58 14.10 -24.97
CA PHE C 120 14.06 13.45 -23.77
C PHE C 120 13.98 14.40 -22.58
N GLU C 121 15.09 15.12 -22.32
CA GLU C 121 15.14 16.06 -21.19
C GLU C 121 14.14 17.20 -21.36
N ARG C 122 14.02 17.74 -22.57
CA ARG C 122 13.04 18.78 -22.81
C ARG C 122 11.64 18.33 -22.37
N TYR C 123 11.27 17.07 -22.65
CA TYR C 123 9.93 16.58 -22.33
C TYR C 123 9.81 16.17 -20.87
N LEU C 124 10.89 15.64 -20.30
CA LEU C 124 10.89 15.05 -18.96
C LEU C 124 12.13 15.54 -18.22
N PRO C 125 12.05 16.72 -17.60
CA PRO C 125 13.28 17.37 -17.14
C PRO C 125 14.03 16.63 -16.04
N ASN C 126 13.34 15.80 -15.24
CA ASN C 126 14.00 15.03 -14.18
C ASN C 126 14.40 13.62 -14.65
N ILE C 127 14.53 13.40 -15.97
CA ILE C 127 14.80 12.04 -16.46
C ILE C 127 16.14 11.52 -15.97
N ASN C 128 17.14 12.38 -15.80
CA ASN C 128 18.42 11.85 -15.36
C ASN C 128 18.41 11.36 -13.91
N SER C 129 17.33 11.57 -13.15
CA SER C 129 17.33 11.08 -11.78
C SER C 129 16.64 9.74 -11.65
N TYR C 130 16.24 9.11 -12.78
CA TYR C 130 15.81 7.73 -12.75
C TYR C 130 17.03 6.82 -12.85
N PRO C 131 17.21 5.88 -11.92
CA PRO C 131 18.40 5.03 -12.00
C PRO C 131 18.37 4.10 -13.21
N ASN C 132 17.20 3.83 -13.78
CA ASN C 132 17.08 3.00 -14.97
C ASN C 132 17.15 3.79 -16.29
N TYR C 133 17.55 5.05 -16.27
CA TYR C 133 17.72 5.80 -17.50
C TYR C 133 19.18 5.72 -17.93
N PHE C 134 19.44 5.10 -19.08
CA PHE C 134 20.79 4.89 -19.58
C PHE C 134 20.99 5.52 -20.96
N GLY C 135 20.23 6.56 -21.27
CA GLY C 135 20.32 7.17 -22.60
C GLY C 135 21.72 7.59 -22.99
N GLU C 136 22.57 7.93 -22.03
CA GLU C 136 23.93 8.37 -22.33
C GLU C 136 24.94 7.23 -22.42
N GLU C 137 24.57 6.00 -22.10
CA GLU C 137 25.55 4.93 -22.03
C GLU C 137 25.24 3.72 -22.89
N LEU C 138 23.99 3.53 -23.28
CA LEU C 138 23.56 2.33 -24.00
C LEU C 138 22.86 2.78 -25.27
N ALA C 139 23.33 2.30 -26.42
CA ALA C 139 22.74 2.68 -27.67
C ALA C 139 22.63 1.43 -28.54
N ARG C 140 21.93 1.58 -29.65
CA ARG C 140 21.81 0.57 -30.68
C ARG C 140 21.51 1.32 -31.98
N LEU C 141 22.27 1.03 -33.03
CA LEU C 141 22.07 1.78 -34.25
C LEU C 141 20.87 1.24 -35.02
N PRO C 142 20.04 2.13 -35.56
CA PRO C 142 18.98 1.70 -36.48
C PRO C 142 19.52 0.81 -37.60
N TYR C 143 18.75 -0.24 -37.89
CA TYR C 143 18.94 -1.17 -39.01
C TYR C 143 20.12 -2.14 -38.82
N THR C 144 20.93 -1.97 -37.77
CA THR C 144 22.30 -2.47 -37.79
C THR C 144 22.57 -3.33 -36.57
N ASN C 145 22.80 -4.63 -36.81
CA ASN C 145 23.16 -5.56 -35.73
C ASN C 145 24.66 -5.41 -35.47
N GLY C 146 25.00 -4.32 -34.80
CA GLY C 146 26.38 -4.01 -34.47
C GLY C 146 26.57 -3.90 -32.97
N TRP C 147 27.79 -4.18 -32.53
CA TRP C 147 28.09 -4.33 -31.12
C TRP C 147 29.37 -3.60 -30.75
N ARG C 148 29.35 -2.91 -29.61
CA ARG C 148 30.54 -2.28 -29.02
C ARG C 148 30.42 -2.54 -27.52
N ILE C 149 31.05 -3.61 -27.05
CA ILE C 149 30.92 -4.08 -25.68
C ILE C 149 32.23 -3.87 -24.89
N THR C 150 33.33 -4.43 -25.36
CA THR C 150 34.64 -4.22 -24.75
C THR C 150 35.67 -4.08 -25.85
N LYS C 151 36.91 -3.78 -25.43
CA LYS C 151 38.01 -3.65 -26.36
C LYS C 151 38.15 -4.88 -27.24
N ASP C 152 37.81 -6.06 -26.73
CA ASP C 152 37.90 -7.32 -27.47
C ASP C 152 36.56 -7.92 -27.84
N PHE C 153 35.47 -7.15 -27.73
CA PHE C 153 34.12 -7.67 -28.02
C PHE C 153 33.40 -6.61 -28.85
N LYS C 154 33.49 -6.75 -30.17
CA LYS C 154 32.89 -5.80 -31.10
C LYS C 154 32.36 -6.57 -32.30
N ALA C 155 31.40 -5.97 -33.00
CA ALA C 155 30.94 -6.55 -34.24
C ALA C 155 30.24 -5.47 -35.05
N ASP C 156 30.15 -5.68 -36.35
CA ASP C 156 29.47 -4.74 -37.24
C ASP C 156 28.58 -5.50 -38.19
N GLY C 157 27.43 -4.91 -38.50
CA GLY C 157 26.56 -5.47 -39.53
C GLY C 157 27.01 -5.03 -40.90
N LEU C 158 27.81 -5.85 -41.57
CA LEU C 158 28.42 -5.43 -42.83
C LEU C 158 27.43 -5.37 -43.98
N CYS C 159 26.21 -5.88 -43.80
CA CYS C 159 25.17 -5.83 -44.83
C CYS C 159 23.94 -5.09 -44.37
N ALA C 160 24.01 -4.39 -43.22
CA ALA C 160 22.82 -3.84 -42.57
C ALA C 160 22.10 -2.83 -43.45
N THR C 161 22.83 -2.02 -44.19
CA THR C 161 22.21 -1.00 -45.02
C THR C 161 22.92 -0.96 -46.36
N SER C 162 22.28 -0.31 -47.32
CA SER C 162 22.69 -0.45 -48.71
C SER C 162 22.76 0.91 -49.38
N ASP C 163 23.46 0.95 -50.52
CA ASP C 163 23.56 2.16 -51.31
C ASP C 163 22.54 2.24 -52.45
N ASP C 164 21.76 1.18 -52.68
CA ASP C 164 20.81 1.18 -53.80
C ASP C 164 19.72 0.11 -53.64
N LEU C 165 20.12 -1.15 -53.59
CA LEU C 165 19.19 -2.26 -53.66
C LEU C 165 18.90 -2.80 -52.26
N LYS C 166 17.63 -3.04 -51.97
CA LYS C 166 17.27 -3.69 -50.74
C LYS C 166 17.61 -5.18 -50.84
N PRO C 167 17.82 -5.86 -49.71
CA PRO C 167 18.37 -7.22 -49.78
C PRO C 167 17.56 -8.21 -50.59
N TRP C 168 16.22 -8.17 -50.52
CA TRP C 168 15.40 -9.14 -51.23
C TRP C 168 15.27 -8.86 -52.72
N GLU C 169 15.84 -7.78 -53.23
CA GLU C 169 15.60 -7.38 -54.60
C GLU C 169 16.54 -8.11 -55.57
N PRO C 170 16.17 -8.18 -56.84
CA PRO C 170 17.02 -8.86 -57.83
C PRO C 170 18.31 -8.08 -58.08
N GLY C 171 19.43 -8.80 -57.97
CA GLY C 171 20.74 -8.22 -58.19
C GLY C 171 21.44 -7.74 -56.95
N TYR C 172 20.75 -7.69 -55.81
CA TYR C 172 21.39 -7.28 -54.57
C TYR C 172 22.62 -8.13 -54.30
N VAL C 173 23.72 -7.47 -53.97
CA VAL C 173 24.96 -8.15 -53.58
C VAL C 173 25.53 -7.42 -52.39
N CYS C 174 25.83 -8.15 -51.30
CA CYS C 174 26.58 -7.61 -50.17
C CYS C 174 28.03 -8.04 -50.30
N ASP C 175 28.93 -7.06 -50.34
CA ASP C 175 30.36 -7.31 -50.45
C ASP C 175 30.99 -7.18 -49.07
N LEU C 176 31.21 -8.30 -48.39
CA LEU C 176 31.73 -8.29 -47.02
C LEU C 176 33.11 -7.66 -46.93
N ASP C 177 33.90 -7.75 -48.01
CA ASP C 177 35.26 -7.21 -48.00
C ASP C 177 35.29 -5.73 -48.34
N ASN C 178 34.28 -5.23 -49.05
CA ASN C 178 34.15 -3.80 -49.34
C ASN C 178 32.68 -3.43 -49.26
N PRO C 179 32.20 -3.10 -48.05
CA PRO C 179 30.76 -2.86 -47.84
C PRO C 179 30.28 -1.57 -48.47
N SER C 180 28.97 -1.40 -48.47
CA SER C 180 28.35 -0.18 -48.96
C SER C 180 28.80 1.03 -48.16
N ASN C 181 28.70 2.21 -48.78
CA ASN C 181 29.09 3.45 -48.11
C ASN C 181 28.21 3.70 -46.89
N SER C 182 26.94 3.31 -46.98
CA SER C 182 26.06 3.41 -45.82
C SER C 182 26.60 2.58 -44.67
N VAL C 183 26.97 1.33 -44.95
CA VAL C 183 27.55 0.49 -43.91
C VAL C 183 28.81 1.14 -43.34
N LYS C 184 29.71 1.61 -44.21
CA LYS C 184 30.95 2.21 -43.73
C LYS C 184 30.67 3.45 -42.88
N ALA C 185 29.63 4.20 -43.22
CA ALA C 185 29.27 5.34 -42.39
C ALA C 185 28.71 4.88 -41.04
N SER C 186 27.91 3.80 -41.03
CA SER C 186 27.37 3.31 -39.77
C SER C 186 28.48 2.77 -38.86
N ILE C 187 29.54 2.20 -39.43
CA ILE C 187 30.66 1.76 -38.62
C ILE C 187 31.33 2.96 -37.96
N GLU C 188 31.46 4.06 -38.71
CA GLU C 188 32.06 5.25 -38.11
C GLU C 188 31.15 5.84 -37.06
N VAL C 189 29.83 5.70 -37.22
CA VAL C 189 28.91 6.14 -36.17
C VAL C 189 29.13 5.30 -34.91
N GLN C 190 29.13 3.96 -35.06
CA GLN C 190 29.53 3.07 -33.96
C GLN C 190 30.78 3.59 -33.26
N ASN C 191 31.81 3.93 -34.03
CA ASN C 191 33.10 4.26 -33.41
C ASN C 191 33.02 5.58 -32.67
N ILE C 192 32.26 6.52 -33.21
CA ILE C 192 32.05 7.80 -32.55
C ILE C 192 31.35 7.59 -31.22
N LEU C 193 30.27 6.78 -31.21
CA LEU C 193 29.56 6.54 -29.97
C LEU C 193 30.45 5.83 -28.94
N ALA C 194 31.23 4.84 -29.38
CA ALA C 194 32.12 4.14 -28.44
C ALA C 194 33.16 5.11 -27.86
N ASN C 195 33.61 6.10 -28.62
CA ASN C 195 34.60 7.03 -28.08
C ASN C 195 33.99 8.00 -27.08
N LYS C 196 32.66 8.17 -27.08
CA LYS C 196 31.96 8.98 -26.09
C LYS C 196 31.50 8.17 -24.90
N GLY C 197 31.91 6.91 -24.81
CA GLY C 197 31.59 6.09 -23.65
C GLY C 197 30.37 5.22 -23.79
N TYR C 198 29.78 5.12 -24.99
CA TYR C 198 28.65 4.23 -25.16
C TYR C 198 29.12 2.80 -25.28
N GLN C 199 28.25 1.89 -24.86
CA GLN C 199 28.24 0.54 -25.39
C GLN C 199 27.06 0.43 -26.35
N THR C 200 27.20 -0.40 -27.37
CA THR C 200 26.07 -0.70 -28.24
C THR C 200 25.85 -2.19 -28.29
N HIS C 201 24.58 -2.58 -28.38
CA HIS C 201 24.20 -3.98 -28.34
C HIS C 201 23.35 -4.31 -29.55
N GLY C 202 23.68 -5.43 -30.20
CA GLY C 202 22.88 -5.98 -31.26
C GLY C 202 21.87 -6.96 -30.67
N TRP C 203 21.62 -8.05 -31.36
CA TRP C 203 20.61 -8.99 -30.91
C TRP C 203 20.94 -10.39 -31.40
N ASP C 204 20.56 -11.38 -30.61
CA ASP C 204 20.74 -12.77 -31.00
C ASP C 204 19.58 -13.27 -31.87
N VAL C 205 18.35 -12.84 -31.54
CA VAL C 205 17.12 -13.28 -32.18
C VAL C 205 16.19 -12.09 -32.34
N ASP C 206 15.36 -12.11 -33.39
CA ASP C 206 14.49 -10.98 -33.72
C ASP C 206 13.07 -11.48 -33.86
N TRP C 207 12.24 -11.18 -32.87
CA TRP C 207 10.85 -11.62 -32.80
C TRP C 207 10.04 -10.73 -33.73
N SER C 208 9.76 -11.25 -34.91
CA SER C 208 9.24 -10.50 -36.03
C SER C 208 8.16 -11.33 -36.73
N PRO C 209 7.41 -10.74 -37.66
CA PRO C 209 6.53 -11.55 -38.50
C PRO C 209 7.30 -12.67 -39.18
N GLU C 210 6.68 -13.84 -39.29
CA GLU C 210 7.29 -14.97 -40.01
C GLU C 210 7.01 -14.77 -41.50
N ASN C 211 6.10 -13.87 -41.83
CA ASN C 211 5.77 -13.58 -43.23
C ASN C 211 5.39 -12.12 -43.38
N TRP C 212 6.25 -11.34 -44.02
CA TRP C 212 6.00 -9.90 -44.20
C TRP C 212 5.20 -9.66 -45.47
N GLY C 213 4.92 -10.71 -46.24
CA GLY C 213 4.18 -10.47 -47.47
C GLY C 213 2.71 -10.78 -47.35
N ILE C 214 2.19 -10.75 -46.13
CA ILE C 214 0.79 -11.05 -45.84
C ILE C 214 0.02 -9.72 -45.76
N PRO C 215 -1.30 -9.72 -46.02
CA PRO C 215 -2.10 -8.50 -45.75
C PRO C 215 -1.91 -7.89 -44.37
N MET C 216 -2.02 -8.68 -43.32
CA MET C 216 -1.77 -8.13 -41.99
C MET C 216 -0.52 -8.77 -41.38
N PRO C 217 0.68 -8.30 -41.77
CA PRO C 217 1.92 -9.03 -41.43
C PRO C 217 2.11 -9.33 -39.97
N ALA C 218 1.69 -8.44 -39.05
CA ALA C 218 1.96 -8.67 -37.65
C ALA C 218 1.23 -9.90 -37.11
N ASN C 219 0.13 -10.32 -37.75
CA ASN C 219 -0.53 -11.55 -37.33
C ASN C 219 0.37 -12.77 -37.46
N SER C 220 1.40 -12.72 -38.32
CA SER C 220 2.29 -13.84 -38.51
C SER C 220 3.45 -13.86 -37.51
N LEU C 221 3.39 -13.03 -36.49
CA LEU C 221 4.44 -13.06 -35.48
C LEU C 221 4.57 -14.48 -34.94
N THR C 222 5.80 -14.91 -34.71
CA THR C 222 6.08 -16.27 -34.22
C THR C 222 5.27 -16.51 -32.99
N GLU C 223 4.79 -17.73 -32.85
CA GLU C 223 4.03 -18.12 -31.65
C GLU C 223 5.01 -18.27 -30.51
N ALA C 224 4.51 -18.20 -29.30
CA ALA C 224 5.39 -18.18 -28.14
C ALA C 224 6.24 -19.45 -28.06
N GLU C 225 5.61 -20.64 -28.14
CA GLU C 225 6.37 -21.89 -28.04
C GLU C 225 7.47 -21.96 -29.09
N ALA C 226 7.11 -21.76 -30.37
CA ALA C 226 8.11 -21.73 -31.43
C ALA C 226 9.22 -20.74 -31.10
N PHE C 227 8.85 -19.55 -30.61
CA PHE C 227 9.85 -18.54 -30.34
C PHE C 227 10.75 -18.93 -29.18
N LEU C 228 10.23 -19.68 -28.20
CA LEU C 228 11.12 -20.18 -27.16
C LEU C 228 12.14 -21.15 -27.77
N GLY C 229 11.71 -21.95 -28.76
CA GLY C 229 12.65 -22.77 -29.50
C GLY C 229 13.81 -21.95 -30.04
N TYR C 230 13.50 -20.80 -30.66
CA TYR C 230 14.55 -19.94 -31.18
C TYR C 230 15.51 -19.49 -30.08
N VAL C 231 14.98 -19.10 -28.93
CA VAL C 231 15.85 -18.68 -27.83
C VAL C 231 16.71 -19.84 -27.36
N ASP C 232 16.12 -21.04 -27.28
CA ASP C 232 16.91 -22.24 -27.00
C ASP C 232 18.01 -22.43 -28.05
N ALA C 233 17.67 -22.24 -29.33
CA ALA C 233 18.64 -22.43 -30.41
C ALA C 233 19.82 -21.48 -30.28
N ALA C 234 19.56 -20.25 -29.82
CA ALA C 234 20.55 -19.18 -29.86
C ALA C 234 21.49 -19.20 -28.65
N LEU C 235 21.10 -19.91 -27.58
CA LEU C 235 21.87 -19.91 -26.35
C LEU C 235 23.24 -20.55 -26.60
N ASN C 236 24.29 -19.76 -26.39
CA ASN C 236 25.69 -20.21 -26.45
C ASN C 236 26.07 -20.74 -27.84
N SER C 237 25.46 -20.22 -28.90
CA SER C 237 25.72 -20.71 -30.24
C SER C 237 25.90 -19.57 -31.22
N CYS C 238 26.49 -18.46 -30.76
CA CYS C 238 26.94 -17.35 -31.59
C CYS C 238 25.85 -16.92 -32.57
N ALA C 239 24.65 -16.73 -32.05
CA ALA C 239 23.50 -16.41 -32.91
C ALA C 239 23.64 -15.13 -33.74
N PRO C 240 24.32 -14.07 -33.30
CA PRO C 240 24.44 -12.90 -34.19
C PRO C 240 25.20 -13.20 -35.48
N THR C 241 26.12 -14.17 -35.47
CA THR C 241 26.85 -14.53 -36.68
C THR C 241 26.04 -15.41 -37.60
N THR C 242 25.01 -16.09 -37.09
CA THR C 242 24.25 -17.07 -37.85
C THR C 242 22.86 -16.59 -38.23
N ILE C 243 22.34 -15.58 -37.54
CA ILE C 243 20.97 -15.14 -37.76
C ILE C 243 20.76 -14.74 -39.21
N ASN C 244 19.52 -14.85 -39.67
CA ASN C 244 19.07 -14.42 -40.99
C ASN C 244 17.90 -13.47 -40.80
N PRO C 245 17.59 -12.64 -41.82
CA PRO C 245 18.21 -12.42 -43.13
C PRO C 245 19.57 -11.74 -43.04
N ILE C 246 20.21 -11.57 -44.21
CA ILE C 246 21.63 -11.23 -44.25
C ILE C 246 21.88 -9.88 -43.60
N ASN C 247 20.98 -8.91 -43.78
CA ASN C 247 21.22 -7.58 -43.22
C ASN C 247 21.05 -7.53 -41.70
N SER C 248 20.81 -8.66 -41.04
CA SER C 248 20.74 -8.73 -39.59
C SER C 248 21.94 -9.40 -38.95
N LYS C 249 22.94 -9.81 -39.74
CA LYS C 249 24.07 -10.51 -39.15
C LYS C 249 25.03 -9.50 -38.54
N ALA C 250 25.77 -9.96 -37.54
CA ALA C 250 26.78 -9.16 -36.84
C ALA C 250 28.14 -9.77 -37.15
N HIS C 251 28.67 -9.41 -38.32
CA HIS C 251 29.94 -9.97 -38.78
C HIS C 251 31.06 -9.66 -37.81
N GLY C 252 31.87 -10.66 -37.48
CA GLY C 252 32.99 -10.48 -36.59
C GLY C 252 32.65 -10.69 -35.13
N PHE C 253 31.42 -11.02 -34.81
CA PHE C 253 31.04 -11.25 -33.43
C PHE C 253 31.93 -12.34 -32.85
N PRO C 254 32.53 -12.12 -31.68
CA PRO C 254 33.50 -13.10 -31.15
C PRO C 254 32.80 -14.29 -30.53
N CYS C 255 32.69 -15.38 -31.29
CA CYS C 255 32.00 -16.57 -30.82
C CYS C 255 32.63 -17.10 -29.55
N GLY C 256 31.81 -17.33 -28.54
CA GLY C 256 32.26 -17.86 -27.27
C GLY C 256 32.82 -16.84 -26.31
N THR C 257 32.76 -15.55 -26.61
CA THR C 257 33.36 -14.58 -25.71
C THR C 257 32.69 -14.67 -24.34
N PRO C 258 33.44 -14.49 -23.25
CA PRO C 258 32.87 -14.72 -21.91
C PRO C 258 31.61 -13.94 -21.59
N LEU C 259 31.58 -12.65 -21.89
CA LEU C 259 30.44 -11.83 -21.52
C LEU C 259 29.15 -12.29 -22.20
N HIS C 260 29.23 -13.05 -23.28
CA HIS C 260 28.01 -13.48 -23.96
C HIS C 260 27.50 -14.84 -23.49
N ALA C 261 28.25 -15.55 -22.65
CA ALA C 261 27.86 -16.90 -22.27
C ALA C 261 26.54 -16.91 -21.50
N ASP C 262 25.62 -17.78 -21.92
CA ASP C 262 24.37 -18.04 -21.22
C ASP C 262 23.43 -16.85 -21.27
N LYS C 263 23.48 -16.10 -22.37
CA LYS C 263 22.71 -14.89 -22.56
C LYS C 263 22.11 -14.90 -23.96
N VAL C 264 20.88 -14.43 -24.09
CA VAL C 264 20.24 -14.26 -25.40
C VAL C 264 19.54 -12.90 -25.43
N VAL C 265 19.98 -12.02 -26.33
CA VAL C 265 19.35 -10.72 -26.53
C VAL C 265 18.28 -10.87 -27.62
N VAL C 266 17.04 -10.52 -27.29
CA VAL C 266 15.91 -10.59 -28.20
C VAL C 266 15.55 -9.17 -28.66
N LEU C 267 15.35 -8.99 -29.96
CA LEU C 267 14.86 -7.75 -30.53
C LEU C 267 13.40 -7.91 -30.94
N THR C 268 12.58 -6.91 -30.61
CA THR C 268 11.23 -6.83 -31.16
C THR C 268 10.85 -5.35 -31.16
N HIS C 269 9.65 -5.06 -31.69
CA HIS C 269 9.17 -3.69 -31.83
C HIS C 269 7.77 -3.61 -31.25
N GLU C 270 7.51 -2.59 -30.42
CA GLU C 270 6.16 -2.41 -29.88
C GLU C 270 5.10 -2.33 -30.97
N PHE C 271 5.45 -1.81 -32.15
CA PHE C 271 4.39 -1.60 -33.14
C PHE C 271 3.87 -2.92 -33.72
N LEU C 272 4.54 -4.04 -33.44
CA LEU C 272 4.00 -5.34 -33.77
C LEU C 272 2.89 -5.78 -32.82
N TYR C 273 2.60 -5.03 -31.75
CA TYR C 273 1.64 -5.44 -30.73
C TYR C 273 0.46 -4.48 -30.61
N GLU C 274 0.13 -3.74 -31.66
CA GLU C 274 -1.05 -2.89 -31.66
C GLU C 274 -1.96 -3.30 -32.82
N ASP C 275 -3.27 -3.16 -32.60
CA ASP C 275 -4.23 -3.33 -33.68
C ASP C 275 -4.14 -2.08 -34.55
N GLY C 276 -3.71 -2.25 -35.80
CA GLY C 276 -3.48 -1.08 -36.60
C GLY C 276 -2.98 -1.40 -37.99
N LYS C 277 -2.22 -0.48 -38.57
CA LYS C 277 -1.91 -0.52 -39.99
C LYS C 277 -1.06 -1.73 -40.40
N ARG C 278 -0.51 -2.47 -39.45
CA ARG C 278 0.30 -3.65 -39.72
C ARG C 278 -0.43 -4.96 -39.39
N GLY C 279 -1.65 -4.90 -38.85
CA GLY C 279 -2.42 -6.08 -38.51
C GLY C 279 -2.98 -6.01 -37.11
N MET C 280 -3.48 -7.16 -36.63
CA MET C 280 -4.10 -7.27 -35.31
C MET C 280 -3.05 -7.55 -34.25
N GLY C 281 -2.07 -6.65 -34.17
CA GLY C 281 -0.97 -6.85 -33.26
C GLY C 281 -1.41 -6.99 -31.82
N ALA C 282 -2.31 -6.11 -31.37
CA ALA C 282 -2.73 -6.17 -29.97
C ALA C 282 -3.54 -7.42 -29.68
N THR C 283 -4.56 -7.69 -30.51
CA THR C 283 -5.44 -8.84 -30.28
C THR C 283 -4.66 -10.15 -30.34
N GLN C 284 -3.75 -10.27 -31.30
CA GLN C 284 -3.08 -11.54 -31.56
C GLN C 284 -1.72 -11.67 -30.89
N ASN C 285 -0.96 -10.58 -30.70
CA ASN C 285 0.43 -10.77 -30.29
C ASN C 285 0.71 -10.48 -28.83
N LEU C 286 -0.07 -9.61 -28.19
CA LEU C 286 0.06 -9.46 -26.74
C LEU C 286 -0.14 -10.79 -26.02
N PRO C 287 -1.11 -11.64 -26.40
CA PRO C 287 -1.16 -13.00 -25.84
C PRO C 287 0.11 -13.80 -26.03
N LYS C 288 0.70 -13.76 -27.25
CA LYS C 288 1.97 -14.44 -27.47
C LYS C 288 3.04 -13.92 -26.53
N LEU C 289 3.12 -12.60 -26.37
CA LEU C 289 4.13 -12.04 -25.49
C LEU C 289 3.92 -12.51 -24.04
N ALA C 290 2.67 -12.49 -23.58
CA ALA C 290 2.38 -12.91 -22.20
C ALA C 290 2.68 -14.40 -22.01
N LYS C 291 2.28 -15.22 -22.98
CA LYS C 291 2.63 -16.64 -22.90
C LYS C 291 4.15 -16.83 -22.82
N PHE C 292 4.90 -16.20 -23.75
CA PHE C 292 6.34 -16.41 -23.81
C PHE C 292 7.02 -16.11 -22.48
N LEU C 293 6.61 -15.04 -21.79
CA LEU C 293 7.24 -14.74 -20.50
C LEU C 293 7.03 -15.89 -19.51
N ARG C 294 5.87 -16.55 -19.59
CA ARG C 294 5.56 -17.62 -18.66
C ARG C 294 6.36 -18.89 -18.99
N ILE C 295 6.33 -19.34 -20.24
CA ILE C 295 7.02 -20.60 -20.57
C ILE C 295 8.53 -20.45 -20.51
N ALA C 296 9.05 -19.24 -20.73
CA ALA C 296 10.51 -19.05 -20.67
C ALA C 296 11.01 -19.15 -19.23
N LYS C 297 10.24 -18.64 -18.26
CA LYS C 297 10.62 -18.83 -16.86
C LYS C 297 10.52 -20.30 -16.45
N GLU C 298 9.50 -21.01 -16.97
CA GLU C 298 9.39 -22.44 -16.69
C GLU C 298 10.55 -23.23 -17.29
N ALA C 299 11.13 -22.73 -18.38
CA ALA C 299 12.24 -23.43 -19.01
C ALA C 299 13.56 -23.19 -18.29
N GLY C 300 13.58 -22.34 -17.27
CA GLY C 300 14.77 -22.04 -16.53
C GLY C 300 15.38 -20.68 -16.78
N TYR C 301 14.86 -19.92 -17.76
CA TYR C 301 15.41 -18.60 -18.08
C TYR C 301 14.98 -17.54 -17.09
N VAL C 302 15.89 -16.64 -16.76
CA VAL C 302 15.55 -15.39 -16.12
C VAL C 302 15.60 -14.28 -17.16
N PHE C 303 14.93 -13.16 -16.84
CA PHE C 303 14.93 -11.97 -17.67
C PHE C 303 15.74 -10.88 -16.97
N ASP C 304 16.54 -10.16 -17.76
CA ASP C 304 17.29 -9.04 -17.22
C ASP C 304 17.29 -7.94 -18.27
N THR C 305 17.92 -6.82 -17.93
CA THR C 305 17.99 -5.63 -18.78
C THR C 305 19.44 -5.32 -19.14
N ILE C 306 19.61 -4.60 -20.25
CA ILE C 306 20.90 -4.45 -20.88
C ILE C 306 21.89 -3.75 -19.96
N ASP C 307 21.42 -2.95 -19.00
CA ASP C 307 22.36 -2.29 -18.11
C ASP C 307 23.12 -3.28 -17.21
N ASN C 308 22.62 -4.51 -17.06
CA ASN C 308 23.30 -5.56 -16.32
C ASN C 308 24.03 -6.56 -17.21
N TYR C 309 23.97 -6.40 -18.53
CA TYR C 309 24.67 -7.32 -19.42
C TYR C 309 26.17 -7.40 -19.07
N THR C 310 26.82 -6.25 -18.85
CA THR C 310 28.13 -6.25 -18.23
C THR C 310 27.96 -6.00 -16.74
N PRO C 311 28.48 -6.86 -15.86
CA PRO C 311 28.23 -6.67 -14.43
C PRO C 311 28.78 -5.35 -13.93
N VAL C 312 28.09 -4.76 -12.98
CA VAL C 312 28.54 -3.53 -12.34
C VAL C 312 29.48 -3.87 -11.20
N TRP C 313 30.62 -3.19 -11.14
CA TRP C 313 31.52 -3.37 -10.01
C TRP C 313 30.83 -2.99 -8.71
N GLN C 314 31.17 -3.70 -7.64
CA GLN C 314 30.49 -3.53 -6.35
C GLN C 314 31.42 -4.01 -5.26
N VAL C 315 31.65 -3.16 -4.24
CA VAL C 315 32.52 -3.53 -3.13
C VAL C 315 32.05 -4.85 -2.57
N GLY C 316 33.00 -5.77 -2.36
CA GLY C 316 32.71 -7.05 -1.75
C GLY C 316 32.64 -8.23 -2.72
N ASN C 317 32.38 -8.00 -4.01
CA ASN C 317 32.25 -9.11 -4.93
C ASN C 317 33.60 -9.73 -5.26
N ALA C 318 33.55 -10.93 -5.83
CA ALA C 318 34.73 -11.72 -6.18
C ALA C 318 34.91 -11.75 -7.69
N TYR C 319 36.08 -11.35 -8.15
CA TYR C 319 36.41 -11.36 -9.57
C TYR C 319 37.58 -12.29 -9.82
N ALA C 320 37.45 -13.15 -10.82
CA ALA C 320 38.63 -13.81 -11.37
C ALA C 320 39.31 -12.86 -12.36
N ALA C 321 40.59 -13.14 -12.63
CA ALA C 321 41.26 -12.45 -13.71
C ALA C 321 40.43 -12.56 -14.99
N GLY C 322 40.48 -11.51 -15.81
CA GLY C 322 39.74 -11.50 -17.06
C GLY C 322 38.28 -11.15 -16.94
N ASP C 323 37.75 -11.02 -15.72
CA ASP C 323 36.36 -10.60 -15.54
C ASP C 323 36.18 -9.15 -16.01
N TYR C 324 35.07 -8.90 -16.68
CA TYR C 324 34.74 -7.53 -17.09
C TYR C 324 33.67 -6.97 -16.17
N VAL C 325 33.80 -5.68 -15.86
CA VAL C 325 32.78 -4.93 -15.12
C VAL C 325 32.63 -3.54 -15.75
N THR C 326 31.56 -2.86 -15.38
CA THR C 326 31.48 -1.42 -15.55
C THR C 326 31.57 -0.75 -14.18
N HIS C 327 32.14 0.44 -14.17
CA HIS C 327 32.25 1.24 -12.96
C HIS C 327 32.14 2.69 -13.41
N SER C 328 31.03 3.34 -13.07
CA SER C 328 30.73 4.68 -13.57
C SER C 328 30.70 4.69 -15.10
N GLY C 329 30.06 3.69 -15.69
CA GLY C 329 29.88 3.64 -17.13
C GLY C 329 31.05 3.09 -17.94
N THR C 330 32.28 3.18 -17.41
CA THR C 330 33.49 2.73 -18.07
C THR C 330 33.72 1.22 -17.86
N VAL C 331 34.06 0.51 -18.93
CA VAL C 331 34.35 -0.91 -18.85
C VAL C 331 35.77 -1.12 -18.32
N TYR C 332 35.93 -2.11 -17.44
CA TYR C 332 37.25 -2.50 -16.96
C TYR C 332 37.39 -4.02 -17.00
N LYS C 333 38.64 -4.48 -17.08
CA LYS C 333 38.98 -5.90 -17.06
C LYS C 333 39.91 -6.15 -15.88
N ALA C 334 39.61 -7.18 -15.10
CA ALA C 334 40.32 -7.45 -13.85
C ALA C 334 41.68 -8.06 -14.13
N VAL C 335 42.73 -7.47 -13.56
CA VAL C 335 44.09 -7.96 -13.81
C VAL C 335 44.39 -9.21 -12.99
N THR C 336 44.03 -9.21 -11.71
CA THR C 336 44.30 -10.34 -10.83
C THR C 336 43.05 -10.66 -10.00
N ALA C 337 42.89 -11.93 -9.64
CA ALA C 337 41.74 -12.36 -8.88
C ALA C 337 41.75 -11.72 -7.49
N HIS C 338 40.59 -11.22 -7.04
CA HIS C 338 40.55 -10.47 -5.79
C HIS C 338 39.11 -10.23 -5.35
N ILE C 339 38.98 -9.71 -4.14
CA ILE C 339 37.72 -9.32 -3.52
C ILE C 339 37.68 -7.80 -3.55
N ALA C 340 36.61 -7.25 -4.12
CA ALA C 340 36.57 -5.82 -4.38
C ALA C 340 36.45 -5.03 -3.08
N GLN C 341 37.35 -4.06 -2.91
CA GLN C 341 37.31 -3.10 -1.81
C GLN C 341 37.33 -1.70 -2.41
N GLN C 342 36.85 -0.73 -1.64
CA GLN C 342 36.78 0.64 -2.15
C GLN C 342 38.17 1.18 -2.53
N ASP C 343 39.19 0.87 -1.72
CA ASP C 343 40.55 1.27 -2.06
C ASP C 343 41.04 0.63 -3.36
N TRP C 344 40.34 -0.39 -3.84
CA TRP C 344 40.72 -1.17 -5.02
C TRP C 344 39.72 -0.99 -6.15
N ALA C 345 39.05 0.16 -6.19
CA ALA C 345 38.03 0.38 -7.21
C ALA C 345 38.71 0.56 -8.57
N PRO C 346 38.03 0.16 -9.65
CA PRO C 346 38.58 0.44 -10.98
C PRO C 346 38.75 1.93 -11.21
N SER C 347 39.88 2.31 -11.80
CA SER C 347 40.15 3.70 -12.12
C SER C 347 41.18 3.78 -13.24
N SER C 348 41.51 5.01 -13.63
CA SER C 348 42.53 5.21 -14.65
C SER C 348 43.94 4.96 -14.14
N THR C 349 44.11 4.66 -12.85
CA THR C 349 45.42 4.35 -12.31
C THR C 349 45.43 3.06 -11.52
N SER C 350 44.30 2.37 -11.41
CA SER C 350 44.25 1.18 -10.57
C SER C 350 45.15 0.11 -11.15
N SER C 351 45.94 -0.51 -10.29
CA SER C 351 46.81 -1.62 -10.70
C SER C 351 46.06 -2.94 -10.83
N LEU C 352 44.82 -3.03 -10.32
CA LEU C 352 44.05 -4.27 -10.33
C LEU C 352 43.09 -4.36 -11.52
N TRP C 353 42.95 -3.28 -12.28
CA TRP C 353 41.99 -3.18 -13.37
C TRP C 353 42.60 -2.39 -14.50
N THR C 354 42.29 -2.76 -15.73
CA THR C 354 42.61 -1.92 -16.88
C THR C 354 41.32 -1.55 -17.59
N ASN C 355 41.31 -0.34 -18.13
CA ASN C 355 40.22 0.09 -18.98
C ASN C 355 40.09 -0.83 -20.19
N ALA C 356 38.88 -1.27 -20.48
CA ALA C 356 38.63 -2.09 -21.65
C ALA C 356 37.43 -1.57 -22.42
N ASP C 357 37.21 -0.27 -22.39
CA ASP C 357 36.16 0.33 -23.21
C ASP C 357 36.34 -0.11 -24.65
N PRO C 358 35.25 -0.37 -25.38
CA PRO C 358 35.39 -0.70 -26.80
C PRO C 358 35.68 0.53 -27.66
N ALA C 359 36.40 1.50 -27.09
CA ALA C 359 36.80 2.70 -27.82
C ALA C 359 38.03 2.42 -28.69
N THR C 360 38.26 3.30 -29.67
CA THR C 360 39.47 3.27 -30.48
C THR C 360 40.44 4.41 -30.18
N ASN C 361 39.99 5.45 -29.50
CA ASN C 361 40.93 6.49 -29.07
C ASN C 361 41.91 5.92 -28.06
N TRP C 362 43.15 6.38 -28.11
CA TRP C 362 44.12 6.02 -27.09
C TRP C 362 43.59 6.47 -25.74
N THR C 363 43.68 5.59 -24.75
CA THR C 363 43.06 5.82 -23.46
C THR C 363 44.00 5.35 -22.37
N LEU C 364 43.99 6.07 -21.26
CA LEU C 364 44.84 5.74 -20.12
C LEU C 364 44.55 4.34 -19.58
N ASN C 365 45.61 3.65 -19.14
CA ASN C 365 45.50 2.39 -18.38
C ASN C 365 44.78 1.29 -19.18
N VAL C 366 45.05 1.21 -20.50
CA VAL C 366 44.53 0.14 -21.34
C VAL C 366 45.63 -0.88 -21.60
N SER C 367 45.28 -2.16 -21.60
CA SER C 367 46.24 -3.22 -21.92
C SER C 367 46.30 -3.38 -23.44
N TYR C 368 47.28 -2.75 -24.06
CA TYR C 368 47.40 -2.75 -25.50
C TYR C 368 48.26 -3.92 -25.94
N GLU C 369 47.84 -4.58 -27.01
CA GLU C 369 48.57 -5.70 -27.57
C GLU C 369 49.13 -5.32 -28.93
N ALA C 370 50.22 -5.96 -29.31
CA ALA C 370 50.75 -5.77 -30.65
C ALA C 370 49.67 -6.04 -31.69
N GLY C 371 49.54 -5.13 -32.64
CA GLY C 371 48.53 -5.23 -33.64
C GLY C 371 47.34 -4.32 -33.43
N ASP C 372 47.11 -3.86 -32.19
CA ASP C 372 46.01 -2.92 -31.96
C ASP C 372 46.24 -1.63 -32.73
N VAL C 373 45.15 -0.92 -32.95
CA VAL C 373 45.19 0.38 -33.61
C VAL C 373 44.45 1.37 -32.72
N VAL C 374 45.09 2.51 -32.47
CA VAL C 374 44.58 3.54 -31.58
C VAL C 374 44.56 4.85 -32.35
N THR C 375 43.66 5.73 -31.95
CA THR C 375 43.59 7.08 -32.52
C THR C 375 44.00 8.06 -31.44
N TYR C 376 44.85 9.01 -31.80
CA TYR C 376 45.37 9.97 -30.84
C TYR C 376 45.50 11.33 -31.51
N GLN C 377 44.61 12.26 -31.13
CA GLN C 377 44.54 13.57 -31.74
C GLN C 377 44.44 13.43 -33.25
N GLY C 378 43.44 12.67 -33.67
CA GLY C 378 43.07 12.54 -35.07
C GLY C 378 43.93 11.63 -35.93
N LEU C 379 45.06 11.11 -35.43
CA LEU C 379 45.90 10.23 -36.20
C LEU C 379 45.84 8.80 -35.66
N ARG C 380 45.83 7.83 -36.57
CA ARG C 380 45.85 6.43 -36.18
C ARG C 380 47.29 5.92 -36.07
N TYR C 381 47.54 5.06 -35.07
CA TYR C 381 48.84 4.46 -34.82
C TYR C 381 48.69 2.97 -34.63
N LEU C 382 49.69 2.22 -35.11
CA LEU C 382 49.79 0.79 -34.85
C LEU C 382 50.57 0.56 -33.56
N VAL C 383 50.03 -0.31 -32.70
CA VAL C 383 50.75 -0.74 -31.50
C VAL C 383 51.78 -1.79 -31.90
N ASN C 384 53.06 -1.52 -31.63
CA ASN C 384 54.13 -2.47 -31.89
C ASN C 384 54.47 -3.35 -30.71
N VAL C 385 54.32 -2.87 -29.48
CA VAL C 385 54.76 -3.61 -28.31
C VAL C 385 53.60 -3.69 -27.32
N PRO C 386 53.24 -4.88 -26.84
CA PRO C 386 52.23 -4.96 -25.78
C PRO C 386 52.68 -4.17 -24.57
N HIS C 387 51.75 -3.46 -23.95
CA HIS C 387 52.04 -2.63 -22.79
C HIS C 387 50.71 -2.14 -22.23
N VAL C 388 50.78 -1.59 -21.02
CA VAL C 388 49.66 -0.86 -20.43
C VAL C 388 49.92 0.63 -20.61
N SER C 389 48.94 1.34 -21.12
CA SER C 389 49.19 2.76 -21.41
C SER C 389 49.24 3.55 -20.11
N GLN C 390 50.04 4.62 -20.14
CA GLN C 390 50.15 5.54 -19.03
C GLN C 390 50.37 6.93 -19.61
N ALA C 391 50.22 7.95 -18.76
CA ALA C 391 49.98 9.31 -19.27
C ALA C 391 51.14 9.81 -20.13
N ASP C 392 52.37 9.42 -19.83
CA ASP C 392 53.51 9.94 -20.56
C ASP C 392 53.96 9.03 -21.69
N TRP C 393 53.28 7.91 -21.92
CA TRP C 393 53.52 7.04 -23.08
C TRP C 393 52.51 7.31 -24.21
N THR C 394 52.31 8.57 -24.58
CA THR C 394 51.37 8.90 -25.65
C THR C 394 51.93 8.48 -27.00
N PRO C 395 51.06 8.12 -27.96
CA PRO C 395 51.56 7.53 -29.22
C PRO C 395 52.46 8.45 -30.01
N ASN C 396 52.23 9.76 -29.94
CA ASN C 396 53.05 10.68 -30.71
C ASN C 396 54.46 10.84 -30.15
N THR C 397 54.70 10.42 -28.90
CA THR C 397 56.03 10.50 -28.30
C THR C 397 56.67 9.14 -28.02
N GLN C 398 56.03 8.04 -28.40
CA GLN C 398 56.60 6.70 -28.19
C GLN C 398 56.71 5.99 -29.54
N ASN C 399 57.79 6.25 -30.26
CA ASN C 399 57.92 5.69 -31.60
C ASN C 399 58.45 4.25 -31.59
N THR C 400 58.78 3.69 -30.42
CA THR C 400 58.97 2.25 -30.31
C THR C 400 57.67 1.51 -29.99
N LEU C 401 56.84 2.05 -29.10
CA LEU C 401 55.56 1.41 -28.81
C LEU C 401 54.57 1.59 -29.95
N PHE C 402 54.56 2.75 -30.59
CA PHE C 402 53.58 3.07 -31.61
C PHE C 402 54.25 3.51 -32.91
N THR C 403 53.60 3.21 -34.04
CA THR C 403 54.00 3.72 -35.35
C THR C 403 52.78 4.30 -36.04
N ALA C 404 52.86 5.58 -36.44
CA ALA C 404 51.76 6.23 -37.14
C ALA C 404 51.44 5.51 -38.45
N LEU C 405 50.14 5.34 -38.73
CA LEU C 405 49.75 4.69 -39.97
C LEU C 405 49.87 5.61 -41.18
N ARG C 406 49.70 6.93 -41.00
CA ARG C 406 49.69 7.92 -42.07
C ARG C 406 48.61 7.64 -43.12
#